data_1NQ9
#
_entry.id   1NQ9
#
_cell.length_a   69.679
_cell.length_b   86.760
_cell.length_c   96.921
_cell.angle_alpha   90.00
_cell.angle_beta   109.54
_cell.angle_gamma   90.00
#
_symmetry.space_group_name_H-M   'P 1 21 1'
#
loop_
_entity.id
_entity.type
_entity.pdbx_description
1 polymer Antithrombin-III
2 branched 2-acetamido-2-deoxy-beta-D-glucopyranose-(1-4)-2-acetamido-2-deoxy-beta-D-glucopyranose
3 branched '3,4-di-O-methyl-2,6-di-O-sulfo-alpha-D-glucopyranose-(1-4)-2,3-di-O-methyl-beta-D-glucopyranuronic acid-(1-4)-2,3,6-tri-O-sulfo-alpha-D-glucopyranose-(1-4)-3-O-methyl-2-O-sulfo-alpha-L-idopyranuronic acid-(1-4)-methyl 2,3,6-tri-O-sulfo-alpha-D-glucopyranoside'
4 non-polymer 2-acetamido-2-deoxy-beta-D-glucopyranose
5 water water
#
_entity_poly.entity_id   1
_entity_poly.type   'polypeptide(L)'
_entity_poly.pdbx_seq_one_letter_code
;HGSPVDICTAKPRDIPMNPMCIYRSPEKKATEDEGSEQKIPEATNRRVWELSKANSRFATTFYQHLADSKNDNDNIFLSP
LSISTAFAMTKLGACNDTLQQLMEVFKFDTISEKTSDQIHFFFAKLNCRLYRKANKSSKLVSANRLFGDKSLTFNETYQD
ISELVYGAKLQPLDFKENAEQSRAAINKWVSNKTEGRITDVIPSEAINELTVLVLVNTIYFKGLWKSKFSPENTRKELFY
KADGESCSASMMYQEGKFRYRRVAEGTQVLELPFKGDDITMVLILPKPEKSLAKVEKELTPEVLQEWLDELEEMMLVVHM
PRFRIEDGFSLKEQLQDMGLVDLFSPEKSKLPGIVAEGRDDLYVSDAFHKAFLEVNEEGSEAAASTAVVIAGRSLNPNRV
TFKANRPFLVFIREVPLNTIIFMGRVANPCVK
;
_entity_poly.pdbx_strand_id   I,L
#
loop_
_chem_comp.id
_chem_comp.type
_chem_comp.name
_chem_comp.formula
GU1 D-saccharide, beta linking '2,3-di-O-methyl-beta-D-glucopyranuronic acid' 'C8 H14 O7'
GU6 D-saccharide, alpha linking 2,3,6-tri-O-sulfo-alpha-D-glucopyranose 'C6 H12 O15 S3'
NAG D-saccharide, beta linking 2-acetamido-2-deoxy-beta-D-glucopyranose 'C8 H15 N O6'
Z9H D-saccharide, alpha linking 3,4-di-O-methyl-2,6-di-O-sulfo-alpha-D-glucopyranose 'C8 H16 O12 S2'
Z9K L-saccharide, alpha linking '3-O-methyl-2-O-sulfo-alpha-L-idopyranuronic acid' 'C7 H12 O10 S'
Z9L D-saccharide 'methyl 2,3,6-tri-O-sulfo-alpha-D-glucopyranoside' 'C7 H14 O15 S3'
#
# COMPACT_ATOMS: atom_id res chain seq x y z
N ASP A 6 -25.11 -31.61 2.84
CA ASP A 6 -24.66 -30.34 3.48
C ASP A 6 -24.43 -30.56 4.98
N ILE A 7 -23.41 -31.34 5.30
CA ILE A 7 -23.07 -31.65 6.69
C ILE A 7 -22.80 -30.41 7.51
N CYS A 8 -22.57 -29.28 6.85
CA CYS A 8 -22.29 -28.06 7.57
C CYS A 8 -23.50 -27.61 8.40
N THR A 9 -24.53 -27.12 7.72
CA THR A 9 -25.74 -26.65 8.40
C THR A 9 -26.63 -27.74 8.98
N ALA A 10 -26.08 -28.93 9.19
CA ALA A 10 -26.84 -30.04 9.74
C ALA A 10 -26.50 -30.25 11.22
N LYS A 11 -27.31 -31.08 11.87
CA LYS A 11 -27.14 -31.40 13.28
C LYS A 11 -26.93 -32.92 13.42
N PRO A 12 -26.29 -33.35 14.52
CA PRO A 12 -26.03 -34.78 14.75
C PRO A 12 -27.24 -35.69 14.50
N ARG A 13 -28.32 -35.44 15.23
CA ARG A 13 -29.52 -36.25 15.09
C ARG A 13 -30.16 -36.21 13.71
N ASP A 14 -29.68 -35.30 12.87
CA ASP A 14 -30.21 -35.20 11.52
C ASP A 14 -29.99 -36.55 10.86
N ILE A 15 -28.77 -36.79 10.38
CA ILE A 15 -28.43 -38.06 9.74
C ILE A 15 -27.73 -38.97 10.77
N PRO A 16 -28.51 -39.86 11.42
CA PRO A 16 -27.97 -40.79 12.41
C PRO A 16 -26.76 -41.59 11.94
N MET A 17 -25.65 -41.39 12.63
CA MET A 17 -24.39 -42.05 12.32
C MET A 17 -23.74 -42.42 13.65
N ASN A 18 -23.94 -43.66 14.07
CA ASN A 18 -23.36 -44.12 15.33
C ASN A 18 -22.34 -45.23 15.16
N PRO A 19 -21.16 -45.05 15.77
CA PRO A 19 -20.06 -46.02 15.72
C PRO A 19 -20.41 -47.36 16.36
N MET A 20 -20.13 -48.44 15.63
CA MET A 20 -20.39 -49.79 16.10
C MET A 20 -19.84 -50.01 17.51
N CYS A 21 -18.70 -49.40 17.82
CA CYS A 21 -18.08 -49.53 19.13
C CYS A 21 -17.79 -48.16 19.70
N ILE A 22 -18.02 -47.98 20.98
CA ILE A 22 -17.74 -46.69 21.60
C ILE A 22 -16.62 -46.89 22.59
N TYR A 23 -15.97 -45.80 22.97
CA TYR A 23 -14.86 -45.89 23.90
C TYR A 23 -15.00 -44.93 25.07
N ARG A 24 -14.97 -45.49 26.28
CA ARG A 24 -15.08 -44.71 27.50
C ARG A 24 -13.78 -44.86 28.28
N SER A 25 -13.16 -43.74 28.63
CA SER A 25 -11.90 -43.77 29.36
C SER A 25 -12.06 -43.90 30.88
N PRO A 26 -11.29 -44.84 31.50
CA PRO A 26 -11.32 -45.08 32.94
C PRO A 26 -10.93 -43.85 33.75
N LYS A 39 -12.48 -18.88 28.05
CA LYS A 39 -13.48 -19.87 27.66
C LYS A 39 -13.87 -19.72 26.18
N ILE A 40 -14.80 -20.56 25.75
CA ILE A 40 -15.27 -20.59 24.36
C ILE A 40 -15.34 -19.23 23.64
N PRO A 41 -14.92 -19.19 22.37
CA PRO A 41 -14.91 -17.99 21.53
C PRO A 41 -16.33 -17.63 21.09
N GLU A 42 -16.52 -16.38 20.71
CA GLU A 42 -17.83 -15.90 20.26
C GLU A 42 -18.29 -16.72 19.06
N ALA A 43 -19.60 -16.68 18.79
CA ALA A 43 -20.22 -17.39 17.67
C ALA A 43 -19.62 -18.76 17.38
N THR A 44 -19.40 -19.55 18.41
CA THR A 44 -18.79 -20.85 18.22
C THR A 44 -19.50 -22.00 18.94
N ASN A 45 -19.56 -23.14 18.28
CA ASN A 45 -20.18 -24.34 18.83
C ASN A 45 -19.20 -25.01 19.81
N ARG A 46 -19.54 -25.02 21.10
CA ARG A 46 -18.68 -25.60 22.12
C ARG A 46 -18.16 -27.02 21.86
N ARG A 47 -18.83 -27.77 20.98
CA ARG A 47 -18.39 -29.14 20.66
C ARG A 47 -17.13 -29.02 19.81
N VAL A 48 -17.29 -28.32 18.68
CA VAL A 48 -16.22 -28.08 17.73
C VAL A 48 -14.98 -27.51 18.42
N TRP A 49 -15.21 -26.78 19.50
CA TRP A 49 -14.11 -26.16 20.23
C TRP A 49 -13.25 -27.17 20.99
N GLU A 50 -13.87 -28.04 21.78
CA GLU A 50 -13.11 -29.02 22.55
C GLU A 50 -12.34 -29.94 21.62
N LEU A 51 -12.91 -30.19 20.44
CA LEU A 51 -12.26 -31.06 19.45
C LEU A 51 -11.03 -30.38 18.90
N SER A 52 -11.18 -29.11 18.54
CA SER A 52 -10.09 -28.31 18.00
C SER A 52 -8.94 -28.27 18.99
N LYS A 53 -9.25 -28.09 20.27
CA LYS A 53 -8.23 -28.04 21.31
C LYS A 53 -7.50 -29.38 21.41
N ALA A 54 -8.20 -30.46 21.06
CA ALA A 54 -7.61 -31.80 21.11
C ALA A 54 -6.66 -31.99 19.93
N ASN A 55 -7.05 -31.48 18.76
CA ASN A 55 -6.19 -31.58 17.58
C ASN A 55 -4.86 -30.96 17.95
N SER A 56 -4.93 -29.88 18.72
CA SER A 56 -3.73 -29.18 19.17
C SER A 56 -2.86 -30.02 20.07
N ARG A 57 -3.47 -30.79 20.95
CA ARG A 57 -2.68 -31.63 21.84
C ARG A 57 -2.00 -32.74 21.03
N PHE A 58 -2.57 -33.07 19.89
CA PHE A 58 -1.99 -34.09 19.03
C PHE A 58 -0.97 -33.45 18.10
N ALA A 59 -1.23 -32.20 17.69
CA ALA A 59 -0.35 -31.46 16.80
C ALA A 59 1.07 -31.33 17.35
N THR A 60 1.19 -30.75 18.54
CA THR A 60 2.50 -30.57 19.16
C THR A 60 3.19 -31.91 19.48
N THR A 61 2.43 -32.88 19.99
CA THR A 61 3.03 -34.16 20.31
C THR A 61 3.51 -34.84 19.03
N PHE A 62 2.72 -34.75 17.97
CA PHE A 62 3.10 -35.39 16.73
C PHE A 62 4.23 -34.66 16.04
N TYR A 63 4.26 -33.34 16.14
CA TYR A 63 5.34 -32.55 15.53
C TYR A 63 6.65 -32.80 16.27
N GLN A 64 6.59 -32.91 17.60
CA GLN A 64 7.80 -33.15 18.36
C GLN A 64 8.44 -34.46 17.97
N HIS A 65 7.66 -35.53 17.91
N HIS A 65 7.66 -35.54 17.93
CA HIS A 65 8.19 -36.84 17.53
CA HIS A 65 8.20 -36.84 17.54
C HIS A 65 8.77 -36.77 16.13
C HIS A 65 8.79 -36.74 16.13
N LEU A 66 8.08 -36.06 15.24
CA LEU A 66 8.53 -35.91 13.86
C LEU A 66 9.84 -35.14 13.79
N ALA A 67 9.93 -34.03 14.51
CA ALA A 67 11.14 -33.22 14.50
C ALA A 67 12.32 -34.01 15.05
N ASP A 68 12.13 -34.62 16.20
CA ASP A 68 13.16 -35.39 16.86
C ASP A 68 13.71 -36.54 16.02
N SER A 69 13.00 -36.92 14.97
CA SER A 69 13.47 -38.00 14.11
C SER A 69 14.04 -37.49 12.79
N LYS A 70 14.18 -36.18 12.66
CA LYS A 70 14.74 -35.63 11.45
C LYS A 70 16.02 -34.82 11.71
N ASN A 71 16.73 -34.50 10.63
CA ASN A 71 17.95 -33.73 10.73
C ASN A 71 17.54 -32.28 10.86
N ASP A 72 18.20 -31.54 11.75
CA ASP A 72 17.87 -30.14 11.97
C ASP A 72 17.96 -29.23 10.75
N ASN A 73 18.62 -29.69 9.69
CA ASN A 73 18.72 -28.86 8.50
C ASN A 73 17.60 -29.13 7.51
N ASP A 74 16.66 -30.01 7.88
CA ASP A 74 15.54 -30.35 7.02
C ASP A 74 14.27 -29.57 7.32
N ASN A 75 13.56 -29.17 6.27
CA ASN A 75 12.30 -28.45 6.44
C ASN A 75 11.22 -29.44 6.82
N ILE A 76 10.10 -28.93 7.30
CA ILE A 76 8.99 -29.77 7.67
C ILE A 76 7.70 -29.00 7.40
N PHE A 77 6.64 -29.74 7.10
CA PHE A 77 5.32 -29.17 6.87
C PHE A 77 4.30 -30.30 6.83
N LEU A 78 3.18 -30.10 7.49
CA LEU A 78 2.15 -31.13 7.53
C LEU A 78 0.86 -30.51 8.02
N SER A 79 -0.23 -31.25 7.90
CA SER A 79 -1.47 -30.73 8.39
C SER A 79 -1.93 -31.64 9.53
N PRO A 80 -1.74 -31.18 10.77
CA PRO A 80 -2.17 -32.03 11.88
C PRO A 80 -3.69 -32.18 11.85
N LEU A 81 -4.39 -31.12 11.42
CA LEU A 81 -5.84 -31.19 11.34
C LEU A 81 -6.25 -32.25 10.32
N SER A 82 -5.66 -32.17 9.14
CA SER A 82 -5.95 -33.12 8.07
C SER A 82 -5.70 -34.55 8.54
N ILE A 83 -4.58 -34.79 9.22
CA ILE A 83 -4.26 -36.13 9.69
C ILE A 83 -5.25 -36.57 10.74
N SER A 84 -5.71 -35.64 11.57
CA SER A 84 -6.65 -35.99 12.62
C SER A 84 -8.01 -36.40 12.06
N THR A 85 -8.47 -35.69 11.04
CA THR A 85 -9.75 -36.00 10.44
C THR A 85 -9.68 -37.39 9.78
N ALA A 86 -8.58 -37.65 9.08
CA ALA A 86 -8.40 -38.93 8.40
C ALA A 86 -8.55 -40.08 9.39
N PHE A 87 -7.73 -40.07 10.44
CA PHE A 87 -7.78 -41.14 11.41
C PHE A 87 -9.03 -41.11 12.27
N ALA A 88 -9.87 -40.10 12.08
CA ALA A 88 -11.12 -40.05 12.83
C ALA A 88 -12.05 -40.94 12.01
N MET A 89 -11.79 -40.99 10.70
CA MET A 89 -12.59 -41.80 9.80
C MET A 89 -12.38 -43.28 10.07
N THR A 90 -11.30 -43.63 10.74
CA THR A 90 -11.08 -45.04 11.05
C THR A 90 -11.60 -45.30 12.46
N LYS A 91 -11.58 -44.27 13.30
CA LYS A 91 -12.08 -44.39 14.67
C LYS A 91 -13.53 -44.83 14.60
N LEU A 92 -14.19 -44.41 13.52
CA LEU A 92 -15.60 -44.72 13.32
C LEU A 92 -15.82 -46.22 13.35
N GLY A 93 -15.05 -46.97 12.56
CA GLY A 93 -15.23 -48.41 12.55
C GLY A 93 -14.26 -49.17 13.43
N ALA A 94 -13.48 -48.46 14.25
CA ALA A 94 -12.51 -49.11 15.11
C ALA A 94 -13.17 -49.77 16.31
N CYS A 95 -12.52 -50.79 16.85
CA CYS A 95 -13.06 -51.50 17.99
C CYS A 95 -11.94 -52.12 18.83
N ASN A 96 -12.20 -52.27 20.12
CA ASN A 96 -11.26 -52.84 21.06
C ASN A 96 -9.96 -52.07 21.22
N ASP A 97 -8.83 -52.77 21.24
CA ASP A 97 -7.54 -52.11 21.40
C ASP A 97 -7.20 -51.19 20.25
N THR A 98 -7.74 -51.48 19.07
CA THR A 98 -7.50 -50.65 17.91
C THR A 98 -8.15 -49.29 18.14
N LEU A 99 -9.30 -49.31 18.81
CA LEU A 99 -10.02 -48.07 19.09
C LEU A 99 -9.39 -47.30 20.26
N GLN A 100 -8.91 -48.01 21.27
CA GLN A 100 -8.29 -47.34 22.42
C GLN A 100 -7.01 -46.63 22.02
N GLN A 101 -6.14 -47.37 21.33
CA GLN A 101 -4.89 -46.80 20.87
C GLN A 101 -5.20 -45.58 20.02
N LEU A 102 -6.20 -45.70 19.15
CA LEU A 102 -6.59 -44.60 18.29
C LEU A 102 -7.03 -43.38 19.07
N MET A 103 -7.72 -43.61 20.18
CA MET A 103 -8.23 -42.55 21.03
C MET A 103 -7.13 -41.89 21.86
N GLU A 104 -6.22 -42.70 22.38
CA GLU A 104 -5.14 -42.19 23.20
C GLU A 104 -4.07 -41.47 22.39
N VAL A 105 -3.73 -42.03 21.24
CA VAL A 105 -2.71 -41.43 20.38
C VAL A 105 -3.13 -40.05 19.83
N PHE A 106 -4.38 -39.93 19.38
CA PHE A 106 -4.87 -38.67 18.82
C PHE A 106 -5.55 -37.74 19.82
N LYS A 107 -5.36 -38.05 21.11
CA LYS A 107 -5.92 -37.25 22.19
C LYS A 107 -7.44 -37.12 22.11
N PHE A 108 -8.11 -38.18 21.66
CA PHE A 108 -9.56 -38.14 21.55
C PHE A 108 -10.19 -38.51 22.89
N ASP A 109 -9.49 -39.32 23.67
CA ASP A 109 -10.00 -39.75 24.98
C ASP A 109 -10.09 -38.61 25.98
N THR A 110 -9.75 -37.40 25.54
CA THR A 110 -9.78 -36.24 26.43
C THR A 110 -10.98 -35.31 26.22
N ILE A 111 -12.01 -35.81 25.52
CA ILE A 111 -13.21 -35.02 25.24
C ILE A 111 -14.47 -35.68 25.78
N SER A 112 -15.59 -34.96 25.69
CA SER A 112 -16.88 -35.47 26.17
C SER A 112 -17.43 -36.60 25.28
N GLU A 113 -18.30 -37.42 25.86
CA GLU A 113 -18.89 -38.57 25.17
C GLU A 113 -19.70 -38.31 23.91
N LYS A 114 -20.57 -37.31 23.95
CA LYS A 114 -21.37 -36.98 22.78
C LYS A 114 -20.44 -36.60 21.61
N THR A 115 -19.46 -35.75 21.88
CA THR A 115 -18.53 -35.33 20.84
C THR A 115 -17.67 -36.51 20.41
N SER A 116 -17.32 -37.36 21.37
CA SER A 116 -16.51 -38.54 21.12
C SER A 116 -17.23 -39.51 20.14
N ASP A 117 -18.45 -39.90 20.48
CA ASP A 117 -19.21 -40.82 19.63
C ASP A 117 -19.52 -40.25 18.26
N GLN A 118 -19.60 -38.93 18.17
CA GLN A 118 -19.87 -38.25 16.90
C GLN A 118 -18.61 -37.56 16.40
N ILE A 119 -17.45 -38.02 16.91
CA ILE A 119 -16.16 -37.45 16.53
C ILE A 119 -16.01 -37.13 15.04
N HIS A 120 -16.50 -38.02 14.19
CA HIS A 120 -16.41 -37.86 12.73
C HIS A 120 -17.28 -36.69 12.26
N PHE A 121 -18.47 -36.58 12.85
CA PHE A 121 -19.40 -35.53 12.47
C PHE A 121 -18.86 -34.15 12.85
N PHE A 122 -18.36 -34.04 14.09
CA PHE A 122 -17.84 -32.77 14.55
C PHE A 122 -16.60 -32.33 13.80
N PHE A 123 -15.94 -33.27 13.14
CA PHE A 123 -14.77 -32.92 12.36
C PHE A 123 -15.27 -32.24 11.09
N ALA A 124 -16.31 -32.81 10.49
CA ALA A 124 -16.90 -32.26 9.27
C ALA A 124 -17.38 -30.85 9.58
N LYS A 125 -17.89 -30.67 10.80
CA LYS A 125 -18.37 -29.36 11.23
C LYS A 125 -17.18 -28.41 11.33
N LEU A 126 -16.16 -28.81 12.07
CA LEU A 126 -14.95 -28.00 12.22
C LEU A 126 -14.41 -27.61 10.85
N ASN A 127 -14.12 -28.60 10.01
CA ASN A 127 -13.60 -28.34 8.66
C ASN A 127 -14.51 -27.46 7.82
N CYS A 128 -15.81 -27.49 8.10
CA CYS A 128 -16.77 -26.65 7.38
C CYS A 128 -16.43 -25.19 7.73
N ARG A 129 -16.42 -24.91 9.03
CA ARG A 129 -16.13 -23.59 9.54
C ARG A 129 -14.87 -23.01 8.93
N LEU A 130 -13.83 -23.83 8.82
CA LEU A 130 -12.56 -23.38 8.25
C LEU A 130 -12.60 -23.34 6.72
N TYR A 131 -13.07 -24.42 6.09
CA TYR A 131 -13.15 -24.46 4.62
C TYR A 131 -14.11 -23.42 4.06
N ARG A 132 -14.58 -22.55 4.95
CA ARG A 132 -15.51 -21.48 4.58
C ARG A 132 -14.82 -20.12 4.78
N LYS A 133 -13.80 -20.10 5.65
CA LYS A 133 -13.08 -18.88 5.95
C LYS A 133 -11.73 -18.74 5.25
N SER A 137 -11.58 -14.95 0.39
CA SER A 137 -10.35 -14.60 -0.31
C SER A 137 -9.31 -15.72 -0.23
N SER A 138 -9.15 -16.26 0.97
CA SER A 138 -8.20 -17.34 1.21
C SER A 138 -8.89 -18.70 1.12
N LYS A 139 -8.57 -19.47 0.08
CA LYS A 139 -9.18 -20.78 -0.10
C LYS A 139 -8.28 -21.96 0.25
N LEU A 140 -8.81 -22.86 1.08
CA LEU A 140 -8.11 -24.07 1.49
C LEU A 140 -8.35 -24.98 0.28
N VAL A 141 -7.78 -26.17 0.28
CA VAL A 141 -7.96 -27.08 -0.86
C VAL A 141 -7.25 -28.40 -0.60
N SER A 142 -8.04 -29.46 -0.43
CA SER A 142 -7.50 -30.77 -0.13
C SER A 142 -8.07 -31.93 -0.93
N ALA A 143 -7.53 -33.11 -0.67
CA ALA A 143 -7.94 -34.33 -1.33
C ALA A 143 -7.72 -35.45 -0.31
N ASN A 144 -8.79 -35.90 0.33
CA ASN A 144 -8.72 -36.96 1.33
C ASN A 144 -9.60 -38.14 0.94
N ARG A 145 -9.03 -39.35 0.97
CA ARG A 145 -9.80 -40.52 0.58
C ARG A 145 -9.19 -41.83 1.04
N LEU A 146 -10.06 -42.81 1.31
CA LEU A 146 -9.60 -44.14 1.72
C LEU A 146 -9.77 -45.07 0.54
N PHE A 147 -8.79 -45.95 0.34
CA PHE A 147 -8.81 -46.92 -0.75
C PHE A 147 -8.69 -48.34 -0.20
N GLY A 148 -9.70 -49.16 -0.49
CA GLY A 148 -9.69 -50.54 -0.03
C GLY A 148 -9.84 -51.49 -1.20
N ASP A 149 -9.45 -52.74 -1.01
CA ASP A 149 -9.55 -53.71 -2.10
C ASP A 149 -10.98 -54.11 -2.46
N LYS A 150 -11.24 -54.20 -3.76
CA LYS A 150 -12.55 -54.56 -4.29
C LYS A 150 -13.02 -55.92 -3.78
N SER A 151 -12.08 -56.83 -3.59
CA SER A 151 -12.41 -58.17 -3.11
C SER A 151 -13.13 -58.17 -1.75
N LEU A 152 -13.26 -57.00 -1.14
CA LEU A 152 -13.93 -56.90 0.15
C LEU A 152 -15.28 -56.20 0.02
N THR A 153 -16.24 -56.63 0.82
CA THR A 153 -17.56 -56.00 0.81
C THR A 153 -17.53 -55.00 1.95
N PHE A 154 -17.71 -53.72 1.65
CA PHE A 154 -17.66 -52.72 2.68
C PHE A 154 -18.98 -52.32 3.30
N ASN A 155 -19.02 -52.38 4.63
CA ASN A 155 -20.22 -52.01 5.37
C ASN A 155 -20.81 -50.76 4.73
N GLU A 156 -22.01 -50.90 4.17
CA GLU A 156 -22.66 -49.80 3.48
C GLU A 156 -22.94 -48.56 4.30
N THR A 157 -23.26 -48.73 5.58
CA THR A 157 -23.55 -47.58 6.45
C THR A 157 -22.32 -46.71 6.67
N TYR A 158 -21.17 -47.33 6.94
CA TYR A 158 -19.93 -46.60 7.13
C TYR A 158 -19.73 -45.77 5.87
N GLN A 159 -19.90 -46.44 4.73
CA GLN A 159 -19.77 -45.81 3.41
C GLN A 159 -20.66 -44.59 3.26
N ASP A 160 -21.87 -44.68 3.78
CA ASP A 160 -22.81 -43.57 3.69
C ASP A 160 -22.39 -42.41 4.59
N ILE A 161 -21.89 -42.74 5.77
CA ILE A 161 -21.44 -41.72 6.71
C ILE A 161 -20.24 -40.97 6.14
N SER A 162 -19.28 -41.70 5.59
CA SER A 162 -18.09 -41.07 5.01
C SER A 162 -18.46 -40.17 3.84
N GLU A 163 -19.29 -40.69 2.95
CA GLU A 163 -19.74 -39.97 1.76
C GLU A 163 -20.25 -38.57 2.13
N LEU A 164 -20.90 -38.49 3.28
CA LEU A 164 -21.50 -37.25 3.75
C LEU A 164 -20.62 -36.44 4.71
N VAL A 165 -19.84 -37.13 5.54
CA VAL A 165 -19.00 -36.43 6.51
C VAL A 165 -17.53 -36.26 6.09
N TYR A 166 -17.08 -37.05 5.12
CA TYR A 166 -15.69 -36.99 4.69
C TYR A 166 -15.52 -36.79 3.18
N GLY A 167 -16.44 -36.06 2.56
CA GLY A 167 -16.33 -35.80 1.13
C GLY A 167 -16.73 -36.94 0.20
N ALA A 168 -16.35 -38.17 0.55
CA ALA A 168 -16.69 -39.32 -0.27
C ALA A 168 -16.56 -40.61 0.51
N LYS A 169 -17.13 -41.68 -0.03
CA LYS A 169 -17.07 -42.97 0.63
C LYS A 169 -15.76 -43.62 0.26
N LEU A 170 -15.47 -44.74 0.91
CA LEU A 170 -14.23 -45.47 0.65
C LEU A 170 -14.30 -45.98 -0.78
N GLN A 171 -13.25 -45.73 -1.54
CA GLN A 171 -13.17 -46.14 -2.94
C GLN A 171 -12.47 -47.48 -3.08
N PRO A 172 -13.14 -48.45 -3.74
CA PRO A 172 -12.48 -49.75 -3.88
C PRO A 172 -11.56 -49.82 -5.11
N LEU A 173 -10.51 -50.64 -5.00
CA LEU A 173 -9.57 -50.80 -6.10
C LEU A 173 -9.02 -52.22 -6.05
N ASP A 174 -8.47 -52.69 -7.15
CA ASP A 174 -7.90 -54.02 -7.16
C ASP A 174 -6.40 -53.96 -6.87
N PHE A 175 -6.02 -54.17 -5.61
CA PHE A 175 -4.61 -54.15 -5.20
C PHE A 175 -4.07 -55.56 -5.40
N LYS A 176 -4.90 -56.52 -4.99
CA LYS A 176 -4.62 -57.94 -5.06
C LYS A 176 -4.01 -58.34 -6.41
N GLU A 177 -4.56 -57.82 -7.52
CA GLU A 177 -4.06 -58.15 -8.85
C GLU A 177 -3.56 -56.96 -9.68
N ASN A 178 -4.03 -55.76 -9.37
CA ASN A 178 -3.63 -54.56 -10.12
C ASN A 178 -2.93 -53.52 -9.26
N ALA A 179 -2.02 -53.99 -8.40
CA ALA A 179 -1.27 -53.11 -7.51
C ALA A 179 -0.79 -51.81 -8.16
N GLU A 180 0.03 -51.91 -9.20
CA GLU A 180 0.55 -50.72 -9.87
C GLU A 180 -0.51 -49.98 -10.67
N GLN A 181 -1.47 -50.73 -11.23
CA GLN A 181 -2.53 -50.14 -12.02
C GLN A 181 -3.41 -49.26 -11.13
N SER A 182 -3.57 -49.68 -9.87
CA SER A 182 -4.38 -48.95 -8.92
C SER A 182 -3.59 -47.80 -8.29
N ARG A 183 -2.31 -48.07 -8.00
CA ARG A 183 -1.43 -47.07 -7.39
C ARG A 183 -1.29 -45.84 -8.28
N ALA A 184 -1.55 -46.02 -9.58
CA ALA A 184 -1.47 -44.91 -10.52
C ALA A 184 -2.79 -44.17 -10.46
N ALA A 185 -3.86 -44.92 -10.21
CA ALA A 185 -5.20 -44.35 -10.12
C ALA A 185 -5.29 -43.39 -8.94
N ILE A 186 -4.69 -43.77 -7.81
CA ILE A 186 -4.71 -42.94 -6.61
C ILE A 186 -3.88 -41.67 -6.85
N ASN A 187 -2.66 -41.84 -7.37
CA ASN A 187 -1.78 -40.71 -7.65
C ASN A 187 -2.40 -39.80 -8.70
N LYS A 188 -3.46 -40.27 -9.35
CA LYS A 188 -4.12 -39.48 -10.39
C LYS A 188 -5.29 -38.69 -9.80
N TRP A 189 -6.03 -39.32 -8.89
CA TRP A 189 -7.18 -38.68 -8.25
C TRP A 189 -6.79 -37.45 -7.44
N VAL A 190 -5.62 -37.51 -6.82
CA VAL A 190 -5.13 -36.41 -6.02
C VAL A 190 -4.73 -35.24 -6.92
N SER A 191 -4.00 -35.54 -7.99
CA SER A 191 -3.58 -34.50 -8.94
C SER A 191 -4.78 -33.77 -9.51
N ASN A 192 -5.77 -34.52 -9.99
CA ASN A 192 -6.96 -33.90 -10.57
C ASN A 192 -7.71 -33.05 -9.55
N LYS A 193 -7.65 -33.44 -8.27
CA LYS A 193 -8.35 -32.70 -7.22
C LYS A 193 -7.53 -31.59 -6.56
N THR A 194 -6.28 -31.43 -7.00
CA THR A 194 -5.42 -30.39 -6.44
C THR A 194 -4.83 -29.51 -7.54
N GLU A 195 -5.43 -29.54 -8.72
CA GLU A 195 -4.99 -28.74 -9.86
C GLU A 195 -3.53 -29.01 -10.27
N GLY A 196 -3.01 -30.16 -9.87
CA GLY A 196 -1.65 -30.51 -10.25
C GLY A 196 -0.59 -30.09 -9.26
N ARG A 197 -1.00 -29.59 -8.10
CA ARG A 197 -0.03 -29.15 -7.10
C ARG A 197 0.53 -30.30 -6.26
N ILE A 198 -0.30 -31.29 -5.95
CA ILE A 198 0.16 -32.43 -5.17
C ILE A 198 0.19 -33.65 -6.09
N THR A 199 1.38 -34.10 -6.46
CA THR A 199 1.50 -35.26 -7.34
C THR A 199 2.30 -36.38 -6.71
N ASP A 200 2.19 -37.58 -7.28
CA ASP A 200 2.90 -38.73 -6.75
C ASP A 200 2.75 -38.82 -5.24
N VAL A 201 1.51 -38.73 -4.77
CA VAL A 201 1.25 -38.81 -3.33
C VAL A 201 1.79 -40.13 -2.81
N ILE A 202 1.57 -41.19 -3.57
CA ILE A 202 2.05 -42.52 -3.19
C ILE A 202 3.24 -42.90 -4.06
N PRO A 203 4.44 -43.00 -3.45
CA PRO A 203 5.68 -43.35 -4.13
C PRO A 203 5.69 -44.81 -4.57
N SER A 204 6.18 -45.07 -5.79
CA SER A 204 6.23 -46.43 -6.32
C SER A 204 6.79 -47.40 -5.30
N GLU A 205 6.23 -48.61 -5.30
CA GLU A 205 6.62 -49.69 -4.39
C GLU A 205 5.90 -49.58 -3.05
N ALA A 206 5.08 -48.55 -2.90
CA ALA A 206 4.32 -48.34 -1.67
C ALA A 206 3.17 -49.33 -1.56
N ILE A 207 2.32 -49.36 -2.59
CA ILE A 207 1.18 -50.26 -2.63
C ILE A 207 1.46 -51.48 -3.51
N ASN A 208 1.49 -52.66 -2.91
CA ASN A 208 1.76 -53.90 -3.63
C ASN A 208 0.54 -54.82 -3.79
N GLU A 209 0.76 -56.12 -3.64
CA GLU A 209 -0.31 -57.12 -3.79
C GLU A 209 -1.05 -57.47 -2.50
N LEU A 210 -0.45 -57.17 -1.35
CA LEU A 210 -1.07 -57.45 -0.06
C LEU A 210 -1.67 -56.18 0.56
N THR A 211 -1.79 -55.15 -0.25
CA THR A 211 -2.35 -53.87 0.19
C THR A 211 -3.87 -53.98 0.23
N VAL A 212 -4.45 -53.88 1.41
CA VAL A 212 -5.91 -54.00 1.55
C VAL A 212 -6.61 -52.67 1.81
N LEU A 213 -5.96 -51.79 2.56
CA LEU A 213 -6.54 -50.50 2.89
C LEU A 213 -5.49 -49.40 2.95
N VAL A 214 -5.75 -48.30 2.27
CA VAL A 214 -4.80 -47.19 2.24
C VAL A 214 -5.46 -45.86 2.56
N LEU A 215 -4.83 -45.12 3.45
CA LEU A 215 -5.32 -43.79 3.82
C LEU A 215 -4.57 -42.77 2.99
N VAL A 216 -5.27 -41.74 2.53
CA VAL A 216 -4.62 -40.71 1.75
C VAL A 216 -5.25 -39.34 2.04
N ASN A 217 -4.40 -38.36 2.36
CA ASN A 217 -4.85 -37.00 2.63
C ASN A 217 -3.77 -36.01 2.26
N THR A 218 -4.11 -35.17 1.30
CA THR A 218 -3.21 -34.14 0.82
C THR A 218 -3.89 -32.79 0.95
N ILE A 219 -3.09 -31.72 1.03
CA ILE A 219 -3.67 -30.40 1.20
C ILE A 219 -2.62 -29.30 1.01
N TYR A 220 -3.09 -28.11 0.64
CA TYR A 220 -2.22 -26.94 0.46
C TYR A 220 -3.10 -25.71 0.63
N PHE A 221 -2.52 -24.52 0.68
CA PHE A 221 -3.31 -23.31 0.92
C PHE A 221 -3.15 -22.22 -0.11
N LYS A 222 -4.26 -21.54 -0.42
CA LYS A 222 -4.26 -20.43 -1.38
C LYS A 222 -4.67 -19.19 -0.59
N GLY A 223 -3.81 -18.18 -0.56
CA GLY A 223 -4.14 -16.97 0.19
C GLY A 223 -3.26 -15.76 -0.07
N LEU A 224 -3.78 -14.58 0.21
CA LEU A 224 -3.04 -13.33 0.01
C LEU A 224 -2.73 -12.68 1.34
N TRP A 225 -1.59 -12.01 1.40
CA TRP A 225 -1.18 -11.33 2.62
C TRP A 225 -2.09 -10.14 2.81
N LYS A 226 -2.57 -9.95 4.03
CA LYS A 226 -3.39 -8.80 4.31
C LYS A 226 -2.44 -7.65 4.08
N SER A 227 -1.16 -7.88 4.39
CA SER A 227 -0.12 -6.88 4.22
C SER A 227 0.99 -7.43 3.32
N LYS A 228 0.92 -7.09 2.04
CA LYS A 228 1.87 -7.56 1.03
C LYS A 228 3.29 -7.00 1.12
N PHE A 229 4.22 -7.77 0.55
CA PHE A 229 5.62 -7.37 0.46
C PHE A 229 5.72 -6.91 -1.00
N SER A 230 6.67 -6.03 -1.27
CA SER A 230 6.89 -5.56 -2.63
C SER A 230 8.10 -6.30 -3.16
N PRO A 231 7.98 -6.93 -4.33
CA PRO A 231 9.10 -7.67 -4.90
C PRO A 231 10.30 -6.74 -5.10
N GLU A 232 10.03 -5.46 -5.26
CA GLU A 232 11.09 -4.48 -5.48
C GLU A 232 12.04 -4.43 -4.28
N ASN A 233 11.56 -4.78 -3.11
CA ASN A 233 12.38 -4.74 -1.91
C ASN A 233 13.06 -6.07 -1.53
N THR A 234 12.76 -7.13 -2.27
CA THR A 234 13.37 -8.42 -1.98
C THR A 234 14.85 -8.41 -2.36
N ARG A 235 15.69 -8.89 -1.44
CA ARG A 235 17.13 -8.93 -1.64
C ARG A 235 17.69 -10.34 -1.36
N LYS A 236 18.90 -10.61 -1.85
CA LYS A 236 19.55 -11.89 -1.59
C LYS A 236 20.27 -11.67 -0.27
N GLU A 237 20.06 -12.57 0.68
CA GLU A 237 20.70 -12.45 1.98
C GLU A 237 21.03 -13.79 2.59
N LEU A 238 22.07 -13.80 3.42
CA LEU A 238 22.49 -15.03 4.05
C LEU A 238 21.45 -15.56 5.00
N PHE A 239 21.37 -16.89 5.05
CA PHE A 239 20.47 -17.56 5.96
C PHE A 239 21.38 -18.56 6.70
N TYR A 240 21.41 -18.47 8.01
CA TYR A 240 22.28 -19.34 8.79
C TYR A 240 21.66 -20.68 9.18
N LYS A 241 22.09 -21.74 8.49
CA LYS A 241 21.58 -23.08 8.74
C LYS A 241 22.06 -23.64 10.08
N ALA A 242 21.44 -24.73 10.51
CA ALA A 242 21.78 -25.38 11.77
C ALA A 242 23.14 -26.07 11.74
N ASP A 243 23.64 -26.36 10.54
CA ASP A 243 24.92 -27.04 10.39
C ASP A 243 26.10 -26.12 10.67
N GLY A 244 25.86 -24.82 10.70
CA GLY A 244 26.93 -23.88 10.96
C GLY A 244 27.31 -23.04 9.76
N GLU A 245 26.88 -23.44 8.57
CA GLU A 245 27.19 -22.66 7.38
C GLU A 245 26.01 -21.76 7.04
N SER A 246 26.11 -21.04 5.92
CA SER A 246 25.03 -20.15 5.52
C SER A 246 24.80 -20.22 4.04
N CYS A 247 23.57 -19.96 3.60
CA CYS A 247 23.29 -20.01 2.18
C CYS A 247 22.54 -18.76 1.77
N SER A 248 22.41 -18.58 0.46
CA SER A 248 21.75 -17.42 -0.09
C SER A 248 20.24 -17.61 -0.12
N ALA A 249 19.51 -16.60 0.35
CA ALA A 249 18.07 -16.69 0.36
C ALA A 249 17.48 -15.45 -0.24
N SER A 250 16.22 -15.51 -0.64
CA SER A 250 15.53 -14.34 -1.18
C SER A 250 14.79 -13.79 0.02
N MET A 251 15.29 -12.70 0.56
CA MET A 251 14.72 -12.09 1.75
C MET A 251 13.72 -10.95 1.46
N MET A 252 12.45 -11.16 1.84
CA MET A 252 11.41 -10.16 1.66
C MET A 252 11.50 -9.14 2.80
N TYR A 253 11.04 -7.93 2.54
CA TYR A 253 11.13 -6.88 3.54
C TYR A 253 9.94 -5.93 3.53
N GLN A 254 9.51 -5.51 4.71
CA GLN A 254 8.42 -4.55 4.84
C GLN A 254 8.26 -4.00 6.24
N GLU A 255 7.58 -2.85 6.34
CA GLU A 255 7.32 -2.21 7.61
C GLU A 255 5.82 -2.04 7.79
N GLY A 256 5.37 -2.12 9.04
CA GLY A 256 3.95 -1.99 9.32
C GLY A 256 3.60 -2.49 10.71
N LYS A 257 2.32 -2.44 11.04
CA LYS A 257 1.84 -2.88 12.34
C LYS A 257 1.58 -4.37 12.24
N PHE A 258 1.99 -5.12 13.26
CA PHE A 258 1.81 -6.57 13.28
C PHE A 258 1.69 -7.01 14.72
N ARG A 259 0.93 -8.07 14.97
CA ARG A 259 0.81 -8.57 16.32
C ARG A 259 2.17 -9.25 16.58
N TYR A 260 2.91 -8.73 17.55
CA TYR A 260 4.24 -9.24 17.82
C TYR A 260 4.51 -9.42 19.30
N ARG A 261 5.62 -10.07 19.64
CA ARG A 261 5.99 -10.28 21.03
C ARG A 261 7.31 -11.00 21.22
N ARG A 262 8.17 -10.41 22.05
CA ARG A 262 9.45 -11.01 22.41
C ARG A 262 9.17 -11.74 23.71
N VAL A 263 9.15 -13.07 23.66
CA VAL A 263 8.85 -13.87 24.83
C VAL A 263 10.04 -14.36 25.65
N ALA A 264 9.86 -15.54 26.26
CA ALA A 264 10.85 -16.19 27.11
C ALA A 264 12.16 -16.50 26.38
N GLU A 265 13.27 -16.14 27.01
CA GLU A 265 14.59 -16.38 26.46
C GLU A 265 14.82 -15.78 25.08
N GLY A 266 14.22 -14.61 24.85
CA GLY A 266 14.42 -13.93 23.58
C GLY A 266 13.75 -14.47 22.33
N THR A 267 12.89 -15.47 22.46
CA THR A 267 12.22 -16.01 21.30
C THR A 267 11.20 -14.98 20.80
N GLN A 268 11.19 -14.72 19.50
CA GLN A 268 10.28 -13.76 18.92
C GLN A 268 9.07 -14.45 18.30
N VAL A 269 7.89 -13.85 18.49
CA VAL A 269 6.66 -14.40 17.94
C VAL A 269 5.96 -13.35 17.06
N LEU A 270 5.91 -13.64 15.76
CA LEU A 270 5.28 -12.73 14.79
C LEU A 270 4.03 -13.34 14.12
N GLU A 271 3.03 -12.52 13.86
CA GLU A 271 1.81 -13.00 13.23
C GLU A 271 1.50 -12.21 11.97
N LEU A 272 1.54 -12.87 10.82
CA LEU A 272 1.24 -12.20 9.57
C LEU A 272 -0.14 -12.70 9.13
N PRO A 273 -1.16 -11.83 9.23
CA PRO A 273 -2.53 -12.20 8.86
C PRO A 273 -2.76 -12.34 7.36
N PHE A 274 -3.65 -13.25 6.99
CA PHE A 274 -3.98 -13.41 5.58
C PHE A 274 -5.20 -12.53 5.36
N LYS A 275 -5.46 -12.13 4.12
CA LYS A 275 -6.59 -11.28 3.80
C LYS A 275 -7.87 -11.95 4.33
N GLY A 276 -8.52 -11.30 5.28
CA GLY A 276 -9.72 -11.86 5.88
C GLY A 276 -9.59 -11.90 7.40
N ASP A 277 -8.35 -11.96 7.88
CA ASP A 277 -8.05 -11.98 9.31
C ASP A 277 -8.42 -13.26 10.03
N ASP A 278 -9.32 -14.05 9.44
CA ASP A 278 -9.74 -15.29 10.08
C ASP A 278 -8.62 -16.32 10.10
N ILE A 279 -7.75 -16.28 9.10
CA ILE A 279 -6.62 -17.21 9.03
C ILE A 279 -5.28 -16.46 8.98
N THR A 280 -4.34 -16.89 9.82
CA THR A 280 -3.04 -16.22 9.87
C THR A 280 -1.87 -17.16 10.01
N MET A 281 -0.67 -16.63 9.75
CA MET A 281 0.56 -17.41 9.90
C MET A 281 1.36 -16.88 11.08
N VAL A 282 1.86 -17.78 11.91
CA VAL A 282 2.63 -17.39 13.08
C VAL A 282 4.04 -17.98 12.97
N LEU A 283 5.03 -17.11 13.12
CA LEU A 283 6.41 -17.53 13.05
C LEU A 283 7.05 -17.50 14.41
N ILE A 284 7.77 -18.56 14.77
CA ILE A 284 8.47 -18.56 16.04
C ILE A 284 9.96 -18.58 15.69
N LEU A 285 10.62 -17.46 15.98
CA LEU A 285 12.05 -17.26 15.71
C LEU A 285 12.86 -17.21 17.00
N PRO A 286 13.70 -18.21 17.24
CA PRO A 286 14.49 -18.16 18.49
C PRO A 286 15.70 -17.25 18.34
N LYS A 287 16.27 -16.81 19.46
CA LYS A 287 17.45 -15.93 19.40
C LYS A 287 18.62 -16.75 18.89
N PRO A 288 19.59 -16.10 18.23
CA PRO A 288 20.78 -16.75 17.68
C PRO A 288 21.41 -17.85 18.53
N GLU A 289 21.56 -17.57 19.81
CA GLU A 289 22.19 -18.50 20.74
C GLU A 289 21.36 -19.70 21.18
N LYS A 290 20.09 -19.75 20.78
CA LYS A 290 19.25 -20.88 21.18
C LYS A 290 18.83 -21.65 19.92
N SER A 291 19.07 -22.95 19.92
CA SER A 291 18.73 -23.79 18.77
C SER A 291 17.24 -23.98 18.65
N LEU A 292 16.75 -24.04 17.41
CA LEU A 292 15.34 -24.25 17.18
C LEU A 292 14.92 -25.55 17.83
N ALA A 293 15.86 -26.48 18.00
CA ALA A 293 15.59 -27.76 18.62
C ALA A 293 15.10 -27.61 20.05
N LYS A 294 15.70 -26.69 20.80
CA LYS A 294 15.30 -26.47 22.19
C LYS A 294 13.89 -25.91 22.26
N VAL A 295 13.55 -25.06 21.30
CA VAL A 295 12.21 -24.50 21.25
C VAL A 295 11.22 -25.62 20.94
N GLU A 296 11.54 -26.46 19.97
CA GLU A 296 10.67 -27.56 19.57
C GLU A 296 10.33 -28.51 20.73
N LYS A 297 11.24 -28.66 21.68
CA LYS A 297 11.00 -29.55 22.83
C LYS A 297 10.29 -28.85 23.97
N GLU A 298 10.28 -27.53 23.96
CA GLU A 298 9.62 -26.78 25.00
C GLU A 298 8.19 -26.50 24.59
N LEU A 299 7.94 -26.70 23.30
CA LEU A 299 6.62 -26.47 22.73
C LEU A 299 5.58 -27.37 23.38
N THR A 300 4.45 -26.78 23.73
CA THR A 300 3.31 -27.50 24.34
C THR A 300 2.07 -26.74 23.92
N PRO A 301 0.90 -27.39 23.97
CA PRO A 301 -0.35 -26.71 23.60
C PRO A 301 -0.50 -25.42 24.41
N GLU A 302 -0.08 -25.48 25.67
CA GLU A 302 -0.15 -24.34 26.59
C GLU A 302 0.78 -23.22 26.15
N VAL A 303 2.08 -23.48 26.30
CA VAL A 303 3.10 -22.51 25.96
C VAL A 303 2.77 -21.77 24.69
N LEU A 304 2.32 -22.49 23.67
CA LEU A 304 1.99 -21.85 22.41
C LEU A 304 0.87 -20.85 22.58
N GLN A 305 -0.22 -21.28 23.19
CA GLN A 305 -1.37 -20.40 23.40
C GLN A 305 -0.96 -19.22 24.26
N GLU A 306 -0.07 -19.48 25.21
CA GLU A 306 0.41 -18.45 26.11
C GLU A 306 1.08 -17.35 25.27
N TRP A 307 1.90 -17.75 24.31
CA TRP A 307 2.57 -16.76 23.47
C TRP A 307 1.55 -15.97 22.65
N LEU A 308 0.68 -16.68 21.95
CA LEU A 308 -0.33 -16.05 21.11
C LEU A 308 -1.18 -15.01 21.85
N ASP A 309 -1.38 -15.22 23.14
CA ASP A 309 -2.17 -14.30 23.94
C ASP A 309 -1.40 -13.00 24.16
N GLU A 310 -0.12 -13.14 24.48
CA GLU A 310 0.74 -11.99 24.73
C GLU A 310 0.99 -11.14 23.48
N LEU A 311 0.63 -11.66 22.31
CA LEU A 311 0.84 -10.91 21.07
C LEU A 311 0.21 -9.54 21.20
N GLU A 312 0.97 -8.50 20.87
CA GLU A 312 0.48 -7.13 20.97
C GLU A 312 0.91 -6.36 19.71
N GLU A 313 -0.03 -5.64 19.09
CA GLU A 313 0.28 -4.88 17.87
C GLU A 313 1.46 -3.95 18.05
N MET A 314 2.25 -3.81 16.98
CA MET A 314 3.43 -2.95 16.99
C MET A 314 3.93 -2.62 15.61
N MET A 315 4.63 -1.49 15.50
CA MET A 315 5.21 -1.06 14.24
C MET A 315 6.60 -1.68 14.25
N LEU A 316 6.82 -2.62 13.34
CA LEU A 316 8.12 -3.28 13.26
C LEU A 316 8.56 -3.54 11.82
N VAL A 317 9.84 -3.81 11.67
CA VAL A 317 10.41 -4.10 10.37
C VAL A 317 10.43 -5.62 10.26
N VAL A 318 9.94 -6.14 9.14
CA VAL A 318 9.89 -7.58 8.91
C VAL A 318 10.78 -8.08 7.76
N HIS A 319 11.80 -8.85 8.12
CA HIS A 319 12.70 -9.46 7.15
C HIS A 319 12.31 -10.93 7.18
N MET A 320 11.84 -11.43 6.06
CA MET A 320 11.42 -12.82 5.98
C MET A 320 11.77 -13.41 4.61
N PRO A 321 12.16 -14.67 4.59
CA PRO A 321 12.52 -15.32 3.33
C PRO A 321 11.36 -15.90 2.53
N ARG A 322 11.53 -15.94 1.21
CA ARG A 322 10.52 -16.58 0.37
C ARG A 322 10.85 -18.06 0.59
N PHE A 323 9.85 -18.93 0.58
CA PHE A 323 10.14 -20.35 0.76
C PHE A 323 9.02 -21.27 0.33
N ARG A 324 9.38 -22.53 0.14
CA ARG A 324 8.43 -23.55 -0.23
C ARG A 324 8.83 -24.79 0.53
N ILE A 325 7.91 -25.31 1.35
CA ILE A 325 8.18 -26.50 2.14
C ILE A 325 7.24 -27.61 1.73
N GLU A 326 7.79 -28.65 1.10
CA GLU A 326 7.00 -29.80 0.65
C GLU A 326 7.40 -30.99 1.48
N ASP A 327 6.40 -31.62 2.08
CA ASP A 327 6.65 -32.76 2.93
C ASP A 327 5.64 -33.88 2.65
N GLY A 328 6.12 -34.98 2.09
CA GLY A 328 5.24 -36.12 1.80
C GLY A 328 5.75 -37.39 2.48
N PHE A 329 5.29 -37.64 3.69
CA PHE A 329 5.74 -38.81 4.44
C PHE A 329 4.66 -39.86 4.75
N SER A 330 5.12 -41.00 5.26
CA SER A 330 4.25 -42.12 5.65
C SER A 330 4.04 -42.07 7.15
N LEU A 331 2.83 -41.72 7.55
CA LEU A 331 2.49 -41.61 8.95
C LEU A 331 2.68 -42.91 9.73
N LYS A 332 2.71 -44.04 9.03
CA LYS A 332 2.81 -45.32 9.72
C LYS A 332 3.91 -45.48 10.78
N GLU A 333 5.15 -45.50 10.35
CA GLU A 333 6.25 -45.69 11.29
C GLU A 333 6.12 -44.70 12.44
N GLN A 334 5.98 -43.43 12.09
CA GLN A 334 5.85 -42.37 13.08
C GLN A 334 4.78 -42.69 14.12
N LEU A 335 3.57 -43.00 13.65
CA LEU A 335 2.46 -43.31 14.53
C LEU A 335 2.65 -44.62 15.31
N GLN A 336 3.34 -45.60 14.73
CA GLN A 336 3.58 -46.86 15.43
C GLN A 336 4.46 -46.56 16.61
N ASP A 337 5.44 -45.69 16.37
CA ASP A 337 6.36 -45.30 17.41
C ASP A 337 5.55 -44.65 18.52
N MET A 338 4.52 -43.89 18.13
CA MET A 338 3.67 -43.21 19.08
C MET A 338 2.64 -44.08 19.79
N GLY A 339 2.54 -45.35 19.41
CA GLY A 339 1.59 -46.24 20.05
C GLY A 339 0.46 -46.81 19.21
N LEU A 340 0.22 -46.24 18.03
CA LEU A 340 -0.84 -46.75 17.16
C LEU A 340 -0.27 -47.97 16.46
N VAL A 341 -0.26 -49.09 17.16
CA VAL A 341 0.28 -50.32 16.63
C VAL A 341 -0.71 -51.28 15.96
N ASP A 342 -1.82 -51.57 16.65
CA ASP A 342 -2.84 -52.50 16.14
C ASP A 342 -3.45 -52.14 14.78
N LEU A 343 -3.86 -50.88 14.63
CA LEU A 343 -4.45 -50.44 13.36
C LEU A 343 -3.61 -50.88 12.17
N PHE A 344 -2.33 -51.10 12.38
CA PHE A 344 -1.43 -51.49 11.30
C PHE A 344 -1.12 -52.99 11.27
N SER A 345 -1.48 -53.69 12.34
CA SER A 345 -1.21 -55.12 12.44
C SER A 345 -2.29 -56.02 11.83
N PRO A 346 -1.92 -56.86 10.86
CA PRO A 346 -2.86 -57.77 10.21
C PRO A 346 -3.56 -58.72 11.18
N GLU A 347 -2.82 -59.16 12.19
CA GLU A 347 -3.35 -60.09 13.17
C GLU A 347 -4.03 -59.45 14.38
N LYS A 348 -3.84 -58.16 14.57
CA LYS A 348 -4.44 -57.49 15.72
C LYS A 348 -5.44 -56.39 15.36
N SER A 349 -5.46 -56.00 14.09
CA SER A 349 -6.37 -54.95 13.64
C SER A 349 -7.84 -55.30 13.84
N LYS A 350 -8.59 -54.32 14.35
CA LYS A 350 -10.02 -54.47 14.61
C LYS A 350 -10.84 -53.33 13.99
N LEU A 351 -11.36 -53.55 12.79
CA LEU A 351 -12.18 -52.55 12.11
C LEU A 351 -13.48 -53.19 11.66
N PRO A 352 -14.26 -53.75 12.60
CA PRO A 352 -15.53 -54.40 12.29
C PRO A 352 -16.52 -53.49 11.56
N GLY A 353 -16.42 -52.20 11.81
CA GLY A 353 -17.34 -51.25 11.19
C GLY A 353 -17.10 -50.93 9.73
N ILE A 354 -15.95 -51.31 9.18
CA ILE A 354 -15.67 -51.01 7.78
C ILE A 354 -15.84 -52.22 6.85
N VAL A 355 -15.77 -53.43 7.40
CA VAL A 355 -15.94 -54.63 6.58
C VAL A 355 -17.41 -55.01 6.37
N ASP A 361 -9.04 -60.43 8.05
CA ASP A 361 -9.62 -59.24 8.66
C ASP A 361 -9.11 -58.05 7.87
N LEU A 362 -9.53 -56.85 8.26
CA LEU A 362 -9.10 -55.63 7.59
C LEU A 362 -8.21 -54.78 8.51
N TYR A 363 -7.14 -54.26 7.95
CA TYR A 363 -6.20 -53.41 8.70
C TYR A 363 -5.69 -52.32 7.77
N VAL A 364 -4.97 -51.35 8.32
CA VAL A 364 -4.42 -50.28 7.52
C VAL A 364 -3.03 -50.66 7.08
N SER A 365 -2.85 -50.82 5.78
CA SER A 365 -1.53 -51.19 5.28
C SER A 365 -0.63 -49.97 5.28
N ASP A 366 -1.18 -48.80 4.92
CA ASP A 366 -0.38 -47.59 4.91
C ASP A 366 -1.22 -46.32 4.92
N ALA A 367 -0.59 -45.23 5.34
CA ALA A 367 -1.23 -43.92 5.42
C ALA A 367 -0.28 -42.87 4.84
N PHE A 368 -0.76 -42.14 3.83
CA PHE A 368 0.05 -41.12 3.17
C PHE A 368 -0.48 -39.71 3.29
N HIS A 369 0.37 -38.83 3.82
CA HIS A 369 0.02 -37.42 3.98
C HIS A 369 0.93 -36.54 3.15
N LYS A 370 0.36 -35.54 2.51
CA LYS A 370 1.17 -34.64 1.70
C LYS A 370 0.58 -33.25 1.64
N ALA A 371 1.37 -32.28 2.08
CA ALA A 371 0.96 -30.90 2.07
C ALA A 371 2.15 -30.08 1.68
N PHE A 372 1.92 -28.89 1.20
CA PHE A 372 3.05 -28.06 0.85
C PHE A 372 2.64 -26.62 1.02
N LEU A 373 3.62 -25.79 1.32
CA LEU A 373 3.38 -24.39 1.51
C LEU A 373 4.42 -23.57 0.74
N GLU A 374 3.93 -22.58 -0.01
CA GLU A 374 4.82 -21.71 -0.76
C GLU A 374 4.47 -20.27 -0.38
N VAL A 375 5.44 -19.58 0.20
CA VAL A 375 5.26 -18.21 0.64
C VAL A 375 6.08 -17.29 -0.23
N ASN A 376 5.49 -16.16 -0.60
CA ASN A 376 6.21 -15.19 -1.42
C ASN A 376 5.64 -13.81 -1.15
N GLU A 377 5.98 -12.83 -1.98
CA GLU A 377 5.51 -11.48 -1.73
C GLU A 377 4.00 -11.29 -1.74
N GLU A 378 3.30 -11.97 -2.63
CA GLU A 378 1.84 -11.84 -2.70
C GLU A 378 1.12 -12.62 -1.61
N GLY A 379 1.63 -13.81 -1.31
CA GLY A 379 1.02 -14.63 -0.28
C GLY A 379 1.36 -16.10 -0.40
N SER A 380 0.33 -16.94 -0.29
CA SER A 380 0.53 -18.36 -0.40
C SER A 380 -0.05 -18.86 -1.71
N GLU A 381 0.81 -19.42 -2.54
CA GLU A 381 0.36 -19.97 -3.81
C GLU A 381 -0.15 -18.86 -4.73
N ALA A 382 0.29 -17.63 -4.48
CA ALA A 382 -0.14 -16.50 -5.29
C ALA A 382 0.87 -16.20 -6.40
N ALA A 383 0.38 -16.14 -7.64
CA ALA A 383 1.26 -15.88 -8.78
C ALA A 383 1.04 -14.51 -9.44
N ALA A 384 1.27 -13.45 -8.68
CA ALA A 384 1.11 -12.09 -9.19
C ALA A 384 2.13 -11.16 -8.52
N SER A 385 2.16 -9.91 -8.95
CA SER A 385 3.09 -8.94 -8.37
C SER A 385 2.42 -7.61 -8.09
N THR A 386 2.83 -6.97 -7.01
CA THR A 386 2.27 -5.71 -6.60
C THR A 386 3.35 -4.82 -6.00
N ALA A 387 3.65 -3.70 -6.65
CA ALA A 387 4.65 -2.79 -6.11
C ALA A 387 3.95 -2.13 -4.92
N VAL A 388 4.69 -1.42 -4.08
CA VAL A 388 4.07 -0.75 -2.93
C VAL A 388 4.61 0.66 -2.71
N VAL A 389 3.73 1.65 -2.78
CA VAL A 389 4.14 3.03 -2.58
C VAL A 389 3.57 3.54 -1.25
N ILE A 390 4.46 4.02 -0.38
CA ILE A 390 4.08 4.51 0.94
C ILE A 390 4.63 5.91 1.16
N ALA A 391 3.79 6.92 1.03
CA ALA A 391 4.26 8.29 1.22
C ALA A 391 3.88 8.82 2.60
N GLY A 392 4.69 9.75 3.09
CA GLY A 392 4.43 10.36 4.39
C GLY A 392 4.74 9.53 5.63
N ARG A 393 5.52 8.47 5.48
CA ARG A 393 5.83 7.64 6.63
C ARG A 393 7.20 7.93 7.22
N SER A 394 7.25 7.86 8.54
CA SER A 394 8.48 8.09 9.28
C SER A 394 8.34 7.37 10.61
N LEU A 395 8.83 6.15 10.69
CA LEU A 395 8.73 5.38 11.92
C LEU A 395 9.82 5.68 12.95
N ASN A 396 9.57 5.22 14.17
CA ASN A 396 10.48 5.40 15.28
C ASN A 396 11.83 4.72 15.00
N PRO A 397 12.93 5.45 15.17
CA PRO A 397 14.29 4.95 14.93
C PRO A 397 14.63 3.70 15.77
N ASN A 398 13.94 3.53 16.89
CA ASN A 398 14.16 2.39 17.77
C ASN A 398 13.24 1.21 17.47
N ARG A 399 12.43 1.31 16.43
CA ARG A 399 11.50 0.25 16.08
C ARG A 399 12.24 -1.09 16.10
N VAL A 400 11.52 -2.17 16.37
CA VAL A 400 12.13 -3.50 16.38
C VAL A 400 12.12 -4.10 14.98
N THR A 401 12.95 -5.12 14.73
CA THR A 401 12.93 -5.74 13.41
C THR A 401 13.04 -7.25 13.56
N PHE A 402 12.04 -7.94 13.02
CA PHE A 402 11.97 -9.39 13.04
C PHE A 402 12.68 -9.86 11.79
N LYS A 403 13.87 -10.45 11.95
CA LYS A 403 14.65 -10.93 10.83
C LYS A 403 14.81 -12.45 10.83
N ALA A 404 13.97 -13.14 10.07
CA ALA A 404 14.00 -14.59 10.01
C ALA A 404 15.13 -15.09 9.10
N ASN A 405 16.38 -14.96 9.57
CA ASN A 405 17.55 -15.40 8.81
C ASN A 405 18.25 -16.62 9.43
N ARG A 406 17.50 -17.39 10.21
CA ARG A 406 17.97 -18.62 10.85
C ARG A 406 16.70 -19.47 10.96
N PRO A 407 16.82 -20.78 11.25
CA PRO A 407 15.61 -21.61 11.33
C PRO A 407 14.46 -21.06 12.18
N PHE A 408 13.22 -21.30 11.75
CA PHE A 408 12.04 -20.86 12.46
C PHE A 408 10.85 -21.77 12.23
N LEU A 409 9.95 -21.82 13.22
CA LEU A 409 8.74 -22.65 13.12
C LEU A 409 7.63 -21.87 12.43
N VAL A 410 6.70 -22.60 11.82
CA VAL A 410 5.58 -22.01 11.13
C VAL A 410 4.24 -22.62 11.57
N PHE A 411 3.24 -21.77 11.72
CA PHE A 411 1.88 -22.21 12.05
C PHE A 411 0.90 -21.42 11.18
N ILE A 412 -0.06 -22.11 10.58
CA ILE A 412 -1.11 -21.47 9.79
C ILE A 412 -2.33 -21.80 10.64
N ARG A 413 -2.92 -20.79 11.28
CA ARG A 413 -4.07 -21.07 12.12
C ARG A 413 -5.29 -20.20 11.85
N GLU A 414 -6.42 -20.62 12.40
CA GLU A 414 -7.65 -19.88 12.24
C GLU A 414 -8.02 -19.22 13.57
N VAL A 415 -8.31 -17.92 13.50
CA VAL A 415 -8.70 -17.11 14.65
C VAL A 415 -10.23 -16.95 14.57
N PRO A 416 -10.95 -16.94 15.71
CA PRO A 416 -10.58 -17.04 17.12
C PRO A 416 -10.65 -18.44 17.70
N LEU A 417 -10.72 -19.45 16.83
CA LEU A 417 -10.78 -20.82 17.30
C LEU A 417 -9.41 -21.31 17.75
N ASN A 418 -8.36 -20.74 17.16
CA ASN A 418 -6.97 -21.10 17.45
C ASN A 418 -6.66 -22.50 16.93
N THR A 419 -7.36 -22.93 15.90
CA THR A 419 -7.18 -24.24 15.29
C THR A 419 -5.88 -24.29 14.48
N ILE A 420 -5.03 -25.26 14.75
CA ILE A 420 -3.77 -25.39 14.01
C ILE A 420 -4.03 -26.23 12.75
N ILE A 421 -4.07 -25.57 11.60
CA ILE A 421 -4.33 -26.22 10.33
C ILE A 421 -3.05 -26.80 9.71
N PHE A 422 -2.01 -25.96 9.63
CA PHE A 422 -0.73 -26.39 9.10
C PHE A 422 0.34 -26.05 10.12
N MET A 423 1.38 -26.87 10.19
CA MET A 423 2.48 -26.58 11.10
C MET A 423 3.77 -27.13 10.49
N GLY A 424 4.85 -26.37 10.61
CA GLY A 424 6.10 -26.82 10.05
C GLY A 424 7.32 -26.05 10.49
N ARG A 425 8.38 -26.19 9.69
CA ARG A 425 9.66 -25.56 9.99
C ARG A 425 10.41 -25.17 8.73
N VAL A 426 10.98 -23.97 8.74
CA VAL A 426 11.77 -23.50 7.64
C VAL A 426 13.21 -23.59 8.15
N ALA A 427 13.89 -24.71 7.87
CA ALA A 427 15.26 -24.88 8.32
C ALA A 427 16.23 -24.48 7.22
N ASN A 428 15.72 -24.44 5.99
CA ASN A 428 16.55 -24.10 4.84
C ASN A 428 15.71 -23.66 3.65
N PRO A 429 15.58 -22.33 3.43
CA PRO A 429 14.82 -21.73 2.34
C PRO A 429 15.65 -21.43 1.10
N CYS A 430 16.81 -22.05 0.95
CA CYS A 430 17.67 -21.75 -0.19
C CYS A 430 17.52 -22.56 -1.48
N VAL A 431 18.33 -22.17 -2.46
CA VAL A 431 18.38 -22.78 -3.80
C VAL A 431 17.36 -22.12 -4.72
N VAL B 5 -13.28 41.40 -28.09
CA VAL B 5 -14.35 40.93 -27.14
C VAL B 5 -13.96 39.63 -26.43
N ASP B 6 -14.42 38.50 -26.95
CA ASP B 6 -14.12 37.20 -26.35
C ASP B 6 -12.76 36.68 -26.82
N ILE B 7 -11.73 37.03 -26.07
CA ILE B 7 -10.36 36.65 -26.40
C ILE B 7 -10.13 35.14 -26.49
N CYS B 8 -11.07 34.34 -26.00
CA CYS B 8 -10.88 32.89 -26.07
C CYS B 8 -11.10 32.38 -27.49
N THR B 9 -11.62 33.25 -28.36
CA THR B 9 -11.89 32.89 -29.75
C THR B 9 -11.15 33.78 -30.75
N ALA B 10 -10.58 34.88 -30.26
CA ALA B 10 -9.88 35.81 -31.14
C ALA B 10 -8.52 35.28 -31.62
N LYS B 11 -7.96 36.02 -32.57
CA LYS B 11 -6.65 35.71 -33.13
C LYS B 11 -5.82 36.92 -32.71
N PRO B 12 -4.50 36.75 -32.52
CA PRO B 12 -3.66 37.89 -32.11
C PRO B 12 -3.91 39.17 -32.90
N ARG B 13 -4.50 39.04 -34.08
CA ARG B 13 -4.74 40.21 -34.92
C ARG B 13 -6.07 40.91 -34.65
N ASP B 14 -6.97 40.24 -33.94
CA ASP B 14 -8.29 40.81 -33.63
C ASP B 14 -8.30 41.77 -32.46
N ILE B 15 -7.29 41.67 -31.59
CA ILE B 15 -7.20 42.54 -30.44
C ILE B 15 -5.80 43.12 -30.29
N PRO B 16 -5.58 44.33 -30.83
CA PRO B 16 -4.30 45.02 -30.78
C PRO B 16 -4.12 45.70 -29.42
N MET B 17 -3.11 45.29 -28.67
CA MET B 17 -2.88 45.90 -27.36
C MET B 17 -1.69 46.86 -27.35
N ASN B 18 -0.69 46.56 -28.16
CA ASN B 18 0.50 47.42 -28.25
C ASN B 18 0.88 48.02 -26.90
N PRO B 19 1.81 47.38 -26.18
CA PRO B 19 2.28 47.86 -24.88
C PRO B 19 3.09 49.14 -25.00
N MET B 20 3.32 49.80 -23.86
CA MET B 20 4.08 51.03 -23.87
C MET B 20 5.54 50.79 -24.22
N CYS B 21 6.05 49.62 -23.85
CA CYS B 21 7.44 49.27 -24.11
C CYS B 21 7.52 47.81 -24.59
N ILE B 22 8.40 47.56 -25.55
CA ILE B 22 8.59 46.21 -26.09
C ILE B 22 9.99 45.76 -25.71
N TYR B 23 10.14 44.51 -25.31
CA TYR B 23 11.44 43.99 -24.92
C TYR B 23 12.31 43.63 -26.11
N ARG B 24 13.62 43.67 -25.89
CA ARG B 24 14.60 43.34 -26.92
C ARG B 24 14.89 41.85 -26.99
N SER B 25 14.43 41.21 -28.07
CA SER B 25 14.63 39.78 -28.28
C SER B 25 16.11 39.38 -28.14
N PRO B 26 16.35 38.11 -27.77
CA PRO B 26 17.72 37.61 -27.60
C PRO B 26 18.42 37.34 -28.94
N SER B 36 12.92 22.03 -28.20
CA SER B 36 11.53 21.63 -28.14
C SER B 36 11.39 20.11 -28.11
N GLU B 37 10.17 19.63 -27.92
CA GLU B 37 9.86 18.19 -27.92
C GLU B 37 8.71 18.06 -28.92
N GLN B 38 8.96 18.71 -30.05
CA GLN B 38 8.13 18.83 -31.27
C GLN B 38 6.73 18.21 -31.41
N LYS B 39 6.59 16.88 -31.31
CA LYS B 39 5.27 16.28 -31.46
C LYS B 39 4.38 16.63 -30.26
N ILE B 40 3.61 17.69 -30.41
CA ILE B 40 2.71 18.17 -29.37
C ILE B 40 1.36 17.50 -29.49
N PRO B 41 0.57 17.46 -28.40
CA PRO B 41 -0.74 16.82 -28.48
C PRO B 41 -1.61 17.43 -29.57
N GLU B 42 -2.49 16.62 -30.14
CA GLU B 42 -3.36 17.09 -31.21
C GLU B 42 -4.32 18.17 -30.70
N ALA B 43 -4.85 18.95 -31.64
CA ALA B 43 -5.80 20.01 -31.31
C ALA B 43 -5.20 21.05 -30.36
N THR B 44 -3.87 21.10 -30.29
CA THR B 44 -3.20 22.05 -29.41
C THR B 44 -2.38 23.08 -30.19
N ASN B 45 -2.54 24.34 -29.82
CA ASN B 45 -1.81 25.42 -30.47
C ASN B 45 -0.35 25.39 -30.00
N ARG B 46 0.58 25.39 -30.96
CA ARG B 46 2.00 25.33 -30.64
C ARG B 46 2.47 26.45 -29.71
N ARG B 47 2.09 27.68 -30.02
CA ARG B 47 2.51 28.79 -29.19
C ARG B 47 2.00 28.68 -27.76
N VAL B 48 0.77 28.20 -27.57
CA VAL B 48 0.22 28.02 -26.22
C VAL B 48 1.03 26.95 -25.50
N TRP B 49 1.45 25.93 -26.24
CA TRP B 49 2.25 24.83 -25.68
C TRP B 49 3.60 25.42 -25.26
N GLU B 50 4.09 26.33 -26.09
CA GLU B 50 5.35 27.04 -25.87
C GLU B 50 5.31 27.76 -24.52
N LEU B 51 4.31 28.63 -24.34
CA LEU B 51 4.20 29.39 -23.10
C LEU B 51 4.16 28.44 -21.92
N SER B 52 3.39 27.37 -22.07
CA SER B 52 3.27 26.36 -21.02
C SER B 52 4.64 25.89 -20.56
N LYS B 53 5.51 25.58 -21.51
CA LYS B 53 6.86 25.12 -21.22
C LYS B 53 7.64 26.22 -20.50
N ALA B 54 7.47 27.45 -20.95
CA ALA B 54 8.14 28.57 -20.32
C ALA B 54 7.74 28.68 -18.85
N ASN B 55 6.44 28.50 -18.55
CA ASN B 55 5.98 28.57 -17.17
C ASN B 55 6.59 27.41 -16.38
N SER B 56 6.67 26.24 -17.00
CA SER B 56 7.25 25.09 -16.33
C SER B 56 8.70 25.29 -16.00
N ARG B 57 9.43 25.96 -16.88
CA ARG B 57 10.84 26.23 -16.63
C ARG B 57 10.96 27.15 -15.41
N PHE B 58 10.06 28.13 -15.31
CA PHE B 58 10.08 29.02 -14.16
C PHE B 58 9.75 28.23 -12.90
N ALA B 59 8.73 27.39 -12.97
CA ALA B 59 8.30 26.58 -11.84
C ALA B 59 9.46 25.86 -11.16
N THR B 60 10.08 24.93 -11.89
CA THR B 60 11.18 24.16 -11.36
C THR B 60 12.38 25.02 -10.91
N THR B 61 12.75 26.03 -11.68
CA THR B 61 13.87 26.88 -11.29
C THR B 61 13.53 27.57 -9.96
N PHE B 62 12.31 28.10 -9.87
CA PHE B 62 11.90 28.80 -8.67
C PHE B 62 11.83 27.84 -7.48
N TYR B 63 11.31 26.64 -7.73
CA TYR B 63 11.20 25.66 -6.67
C TYR B 63 12.58 25.36 -6.07
N GLN B 64 13.60 25.34 -6.91
CA GLN B 64 14.95 25.05 -6.42
C GLN B 64 15.47 26.17 -5.55
N HIS B 65 15.29 27.41 -6.00
CA HIS B 65 15.72 28.56 -5.24
C HIS B 65 15.00 28.62 -3.90
N LEU B 66 13.78 28.09 -3.87
CA LEU B 66 12.96 28.09 -2.67
C LEU B 66 13.39 26.96 -1.74
N ALA B 67 13.60 25.78 -2.32
CA ALA B 67 14.00 24.62 -1.55
C ALA B 67 15.43 24.82 -1.07
N ASP B 68 16.25 25.39 -1.94
CA ASP B 68 17.65 25.65 -1.66
C ASP B 68 17.79 26.74 -0.61
N SER B 69 16.76 26.95 0.21
CA SER B 69 16.81 27.98 1.23
C SER B 69 15.88 27.67 2.40
N LYS B 70 15.57 26.39 2.57
CA LYS B 70 14.72 25.94 3.65
C LYS B 70 15.36 24.68 4.21
N ASN B 71 14.93 24.26 5.39
CA ASN B 71 15.47 23.05 5.98
C ASN B 71 14.88 21.92 5.15
N ASP B 72 15.72 20.99 4.71
CA ASP B 72 15.28 19.86 3.89
C ASP B 72 14.03 19.17 4.47
N ASN B 73 13.68 19.52 5.70
CA ASN B 73 12.51 18.95 6.37
C ASN B 73 11.32 19.91 6.50
N ASP B 74 11.37 21.04 5.81
CA ASP B 74 10.27 22.00 5.84
C ASP B 74 9.29 21.63 4.75
N ASN B 75 8.06 22.07 4.89
CA ASN B 75 7.06 21.84 3.86
C ASN B 75 7.27 22.90 2.78
N ILE B 76 6.79 22.63 1.57
CA ILE B 76 6.86 23.62 0.51
C ILE B 76 5.67 23.36 -0.39
N PHE B 77 4.90 24.41 -0.64
CA PHE B 77 3.76 24.31 -1.53
C PHE B 77 3.54 25.66 -2.14
N LEU B 78 3.16 25.65 -3.39
CA LEU B 78 2.90 26.88 -4.12
C LEU B 78 2.21 26.54 -5.43
N SER B 79 1.88 27.59 -6.17
CA SER B 79 1.28 27.42 -7.46
C SER B 79 2.15 28.29 -8.34
N PRO B 80 3.10 27.69 -9.05
CA PRO B 80 3.93 28.55 -9.89
C PRO B 80 3.05 29.24 -10.95
N LEU B 81 2.00 28.56 -11.41
CA LEU B 81 1.09 29.16 -12.40
C LEU B 81 0.56 30.48 -11.87
N SER B 82 0.18 30.49 -10.59
CA SER B 82 -0.31 31.72 -9.96
C SER B 82 0.74 32.83 -10.07
N ILE B 83 1.96 32.55 -9.60
CA ILE B 83 3.02 33.56 -9.66
C ILE B 83 3.29 34.13 -11.05
N SER B 84 3.44 33.26 -12.06
CA SER B 84 3.70 33.76 -13.42
C SER B 84 2.61 34.70 -13.88
N THR B 85 1.37 34.35 -13.56
CA THR B 85 0.20 35.14 -13.90
C THR B 85 0.22 36.52 -13.26
N ALA B 86 0.49 36.59 -11.96
CA ALA B 86 0.52 37.88 -11.30
C ALA B 86 1.63 38.77 -11.87
N PHE B 87 2.78 38.19 -12.16
CA PHE B 87 3.84 39.01 -12.70
C PHE B 87 3.65 39.36 -14.17
N ALA B 88 3.00 38.46 -14.93
CA ALA B 88 2.74 38.75 -16.32
C ALA B 88 1.87 40.00 -16.32
N MET B 89 0.95 40.06 -15.35
CA MET B 89 0.05 41.20 -15.19
C MET B 89 0.85 42.45 -14.86
N THR B 90 1.82 42.32 -13.96
CA THR B 90 2.65 43.45 -13.56
C THR B 90 3.47 43.91 -14.73
N LYS B 91 3.90 42.96 -15.56
CA LYS B 91 4.69 43.30 -16.73
C LYS B 91 3.95 44.22 -17.71
N LEU B 92 2.63 44.20 -17.71
CA LEU B 92 1.88 45.04 -18.62
C LEU B 92 2.27 46.51 -18.51
N GLY B 93 2.87 46.91 -17.40
CA GLY B 93 3.25 48.29 -17.25
C GLY B 93 4.74 48.50 -17.12
N ALA B 94 5.50 47.43 -17.36
CA ALA B 94 6.95 47.47 -17.24
C ALA B 94 7.64 48.09 -18.46
N CYS B 95 8.84 48.59 -18.21
CA CYS B 95 9.64 49.22 -19.25
C CYS B 95 11.14 49.03 -18.97
N ASN B 96 11.94 49.23 -20.01
CA ASN B 96 13.39 49.12 -19.91
C ASN B 96 13.90 47.87 -19.19
N ASP B 97 14.86 48.03 -18.28
CA ASP B 97 15.41 46.88 -17.58
C ASP B 97 14.41 46.12 -16.72
N THR B 98 13.42 46.83 -16.20
CA THR B 98 12.40 46.17 -15.38
C THR B 98 11.66 45.20 -16.27
N LEU B 99 11.27 45.68 -17.46
CA LEU B 99 10.59 44.83 -18.42
C LEU B 99 11.48 43.66 -18.86
N GLN B 100 12.72 43.96 -19.23
CA GLN B 100 13.66 42.95 -19.67
C GLN B 100 13.84 41.85 -18.63
N GLN B 101 14.15 42.26 -17.41
CA GLN B 101 14.34 41.30 -16.34
C GLN B 101 13.11 40.43 -16.12
N LEU B 102 11.92 41.01 -16.27
CA LEU B 102 10.67 40.24 -16.09
C LEU B 102 10.62 39.12 -17.11
N MET B 103 10.75 39.49 -18.37
CA MET B 103 10.73 38.53 -19.47
C MET B 103 11.75 37.41 -19.23
N GLU B 104 12.95 37.80 -18.82
CA GLU B 104 14.02 36.84 -18.56
C GLU B 104 13.79 35.94 -17.37
N VAL B 105 13.48 36.53 -16.23
CA VAL B 105 13.26 35.74 -15.03
C VAL B 105 12.14 34.74 -15.20
N PHE B 106 11.07 35.12 -15.88
CA PHE B 106 9.96 34.18 -16.04
C PHE B 106 10.05 33.30 -17.27
N LYS B 107 11.23 33.25 -17.89
CA LYS B 107 11.48 32.42 -19.06
C LYS B 107 10.59 32.75 -20.26
N PHE B 108 10.03 33.95 -20.30
CA PHE B 108 9.18 34.32 -21.41
C PHE B 108 10.03 34.55 -22.67
N ASP B 109 11.33 34.79 -22.48
CA ASP B 109 12.25 35.02 -23.58
C ASP B 109 12.80 33.73 -24.18
N THR B 110 12.64 32.62 -23.46
CA THR B 110 13.14 31.34 -23.94
C THR B 110 12.23 30.66 -24.97
N ILE B 111 11.44 31.44 -25.70
CA ILE B 111 10.56 30.83 -26.70
C ILE B 111 10.55 31.61 -28.02
N SER B 112 9.81 31.13 -29.02
CA SER B 112 9.76 31.78 -30.33
C SER B 112 9.57 33.28 -30.25
N GLU B 113 10.20 34.00 -31.18
CA GLU B 113 10.10 35.45 -31.20
C GLU B 113 8.64 35.95 -31.17
N LYS B 114 7.79 35.38 -32.03
CA LYS B 114 6.40 35.81 -32.07
C LYS B 114 5.72 35.58 -30.73
N THR B 115 5.80 34.35 -30.22
CA THR B 115 5.17 34.07 -28.95
C THR B 115 5.69 35.00 -27.84
N SER B 116 6.95 35.42 -27.96
CA SER B 116 7.54 36.32 -26.97
C SER B 116 6.99 37.74 -27.11
N ASP B 117 6.88 38.21 -28.34
CA ASP B 117 6.37 39.55 -28.56
C ASP B 117 4.90 39.60 -28.17
N GLN B 118 4.32 38.42 -27.96
CA GLN B 118 2.91 38.35 -27.63
C GLN B 118 2.53 37.45 -26.48
N ILE B 119 3.35 37.45 -25.42
CA ILE B 119 3.09 36.62 -24.26
C ILE B 119 1.67 36.77 -23.70
N HIS B 120 1.23 38.01 -23.50
CA HIS B 120 -0.08 38.27 -22.95
C HIS B 120 -1.20 37.57 -23.70
N PHE B 121 -1.24 37.74 -25.02
CA PHE B 121 -2.28 37.08 -25.78
C PHE B 121 -2.28 35.56 -25.55
N PHE B 122 -1.10 34.95 -25.59
CA PHE B 122 -1.03 33.51 -25.40
C PHE B 122 -1.20 33.04 -23.96
N PHE B 123 -0.94 33.92 -23.01
CA PHE B 123 -1.15 33.55 -21.61
C PHE B 123 -2.66 33.49 -21.47
N ALA B 124 -3.34 34.45 -22.10
CA ALA B 124 -4.79 34.49 -22.10
C ALA B 124 -5.34 33.19 -22.70
N LYS B 125 -4.84 32.81 -23.88
CA LYS B 125 -5.30 31.57 -24.53
C LYS B 125 -5.05 30.35 -23.67
N LEU B 126 -3.89 30.31 -23.02
CA LEU B 126 -3.55 29.19 -22.14
C LEU B 126 -4.52 29.16 -20.98
N ASN B 127 -4.88 30.35 -20.48
CA ASN B 127 -5.81 30.39 -19.38
C ASN B 127 -7.19 29.90 -19.84
N CYS B 128 -7.59 30.30 -21.04
CA CYS B 128 -8.89 29.88 -21.57
C CYS B 128 -9.01 28.36 -21.53
N ARG B 129 -7.98 27.65 -21.99
CA ARG B 129 -8.05 26.19 -21.99
C ARG B 129 -7.96 25.60 -20.58
N LEU B 130 -7.13 26.20 -19.74
CA LEU B 130 -6.94 25.74 -18.38
C LEU B 130 -8.19 25.81 -17.53
N TYR B 131 -8.91 26.92 -17.64
CA TYR B 131 -10.10 27.12 -16.83
C TYR B 131 -11.45 26.93 -17.52
N ARG B 132 -11.45 26.38 -18.73
CA ARG B 132 -12.68 26.13 -19.48
C ARG B 132 -13.68 25.35 -18.63
N LYS B 133 -14.92 25.85 -18.59
CA LYS B 133 -15.99 25.21 -17.82
C LYS B 133 -16.77 24.20 -18.67
N LYS B 136 -16.22 18.63 -16.68
CA LYS B 136 -15.57 17.56 -15.94
C LYS B 136 -16.01 17.55 -14.48
N SER B 137 -15.51 16.59 -13.70
CA SER B 137 -15.85 16.49 -12.28
C SER B 137 -14.76 17.20 -11.46
N SER B 138 -13.74 17.69 -12.17
CA SER B 138 -12.64 18.40 -11.55
C SER B 138 -12.79 19.89 -11.78
N LYS B 139 -12.92 20.62 -10.69
CA LYS B 139 -13.07 22.07 -10.78
C LYS B 139 -11.73 22.77 -10.70
N LEU B 140 -11.46 23.63 -11.68
CA LEU B 140 -10.23 24.42 -11.70
C LEU B 140 -10.59 25.80 -12.21
N VAL B 141 -10.61 26.77 -11.30
CA VAL B 141 -10.94 28.14 -11.68
C VAL B 141 -9.86 29.12 -11.24
N SER B 142 -9.98 30.36 -11.70
CA SER B 142 -9.00 31.39 -11.37
C SER B 142 -9.63 32.77 -11.54
N ALA B 143 -9.31 33.68 -10.64
CA ALA B 143 -9.85 35.02 -10.72
C ALA B 143 -8.69 35.98 -10.44
N ASN B 144 -8.55 37.00 -11.29
CA ASN B 144 -7.49 38.00 -11.16
C ASN B 144 -8.16 39.34 -10.92
N ARG B 145 -7.42 40.30 -10.38
CA ARG B 145 -8.00 41.59 -10.11
C ARG B 145 -7.02 42.64 -9.61
N LEU B 146 -7.27 43.89 -9.99
CA LEU B 146 -6.43 44.99 -9.58
C LEU B 146 -7.14 45.83 -8.51
N PHE B 147 -6.36 46.41 -7.61
CA PHE B 147 -6.90 47.28 -6.57
C PHE B 147 -6.00 48.51 -6.59
N GLY B 148 -6.57 49.64 -7.00
CA GLY B 148 -5.80 50.86 -7.07
C GLY B 148 -6.33 51.94 -6.15
N ASP B 149 -5.44 52.84 -5.75
CA ASP B 149 -5.82 53.92 -4.87
C ASP B 149 -6.90 54.78 -5.50
N LYS B 150 -7.95 55.05 -4.73
CA LYS B 150 -9.12 55.83 -5.14
C LYS B 150 -8.83 57.21 -5.72
N SER B 151 -7.71 57.82 -5.34
CA SER B 151 -7.43 59.17 -5.82
C SER B 151 -6.58 59.29 -7.07
N LEU B 152 -6.11 58.18 -7.61
CA LEU B 152 -5.26 58.24 -8.80
C LEU B 152 -5.99 58.00 -10.11
N THR B 153 -5.45 58.60 -11.16
CA THR B 153 -6.00 58.43 -12.49
C THR B 153 -5.14 57.38 -13.16
N PHE B 154 -5.68 56.18 -13.40
CA PHE B 154 -4.90 55.15 -14.03
C PHE B 154 -4.98 55.18 -15.54
N ASN B 155 -3.94 54.67 -16.19
CA ASN B 155 -3.86 54.61 -17.63
C ASN B 155 -5.04 53.72 -18.11
N GLU B 156 -5.87 54.24 -19.02
CA GLU B 156 -7.03 53.49 -19.52
C GLU B 156 -6.61 52.29 -20.33
N THR B 157 -5.63 52.48 -21.21
CA THR B 157 -5.13 51.41 -22.04
C THR B 157 -4.73 50.24 -21.13
N TYR B 158 -3.90 50.55 -20.14
CA TYR B 158 -3.44 49.58 -19.16
C TYR B 158 -4.60 48.85 -18.51
N GLN B 159 -5.58 49.63 -18.09
CA GLN B 159 -6.74 49.08 -17.42
C GLN B 159 -7.54 48.18 -18.35
N ASP B 160 -7.82 48.65 -19.56
CA ASP B 160 -8.60 47.88 -20.52
C ASP B 160 -7.92 46.57 -20.92
N ILE B 161 -6.59 46.59 -21.05
CA ILE B 161 -5.89 45.36 -21.42
C ILE B 161 -5.88 44.35 -20.28
N SER B 162 -5.70 44.84 -19.05
CA SER B 162 -5.68 43.96 -17.89
C SER B 162 -7.03 43.28 -17.74
N GLU B 163 -8.08 43.95 -18.20
CA GLU B 163 -9.40 43.34 -18.10
C GLU B 163 -9.62 42.35 -19.24
N LEU B 164 -9.26 42.74 -20.45
CA LEU B 164 -9.44 41.88 -21.59
C LEU B 164 -8.63 40.59 -21.51
N VAL B 165 -7.34 40.73 -21.19
CA VAL B 165 -6.43 39.60 -21.10
C VAL B 165 -6.48 38.72 -19.85
N TYR B 166 -6.52 39.34 -18.68
CA TYR B 166 -6.51 38.57 -17.43
C TYR B 166 -7.82 38.58 -16.68
N GLY B 167 -8.78 39.34 -17.21
CA GLY B 167 -10.08 39.43 -16.58
C GLY B 167 -9.95 40.19 -15.27
N ALA B 168 -8.90 40.99 -15.15
CA ALA B 168 -8.66 41.76 -13.95
C ALA B 168 -9.26 43.15 -14.03
N LYS B 169 -10.30 43.41 -13.25
CA LYS B 169 -10.91 44.74 -13.24
C LYS B 169 -10.11 45.54 -12.22
N LEU B 170 -10.27 46.85 -12.24
CA LEU B 170 -9.56 47.70 -11.32
C LEU B 170 -10.55 48.22 -10.27
N GLN B 171 -10.49 47.64 -9.07
CA GLN B 171 -11.37 48.05 -7.98
C GLN B 171 -10.66 49.13 -7.18
N PRO B 172 -11.34 50.26 -6.93
CA PRO B 172 -10.64 51.29 -6.17
C PRO B 172 -10.72 51.03 -4.67
N LEU B 173 -9.64 51.39 -3.98
CA LEU B 173 -9.54 51.23 -2.53
C LEU B 173 -8.79 52.46 -2.08
N ASP B 174 -9.02 52.86 -0.84
CA ASP B 174 -8.38 54.06 -0.31
C ASP B 174 -7.15 53.77 0.52
N PHE B 175 -6.04 53.55 -0.18
CA PHE B 175 -4.79 53.28 0.49
C PHE B 175 -4.30 54.56 1.15
N LYS B 176 -4.41 55.66 0.40
CA LYS B 176 -3.95 56.97 0.85
C LYS B 176 -4.37 57.31 2.28
N GLU B 177 -5.49 56.75 2.74
CA GLU B 177 -5.94 57.04 4.09
C GLU B 177 -6.59 55.87 4.83
N ASN B 178 -6.58 54.69 4.24
CA ASN B 178 -7.18 53.53 4.89
C ASN B 178 -6.50 52.22 4.53
N ALA B 179 -5.17 52.25 4.52
CA ALA B 179 -4.37 51.07 4.18
C ALA B 179 -4.87 49.77 4.80
N GLU B 180 -4.81 49.65 6.12
CA GLU B 180 -5.22 48.41 6.78
C GLU B 180 -6.61 47.93 6.38
N GLN B 181 -7.57 48.85 6.29
CA GLN B 181 -8.93 48.48 5.90
C GLN B 181 -8.90 47.91 4.48
N SER B 182 -8.26 48.62 3.58
CA SER B 182 -8.17 48.19 2.20
C SER B 182 -7.56 46.78 2.13
N ARG B 183 -6.47 46.59 2.86
CA ARG B 183 -5.80 45.29 2.90
C ARG B 183 -6.77 44.18 3.28
N ALA B 184 -7.58 44.44 4.30
CA ALA B 184 -8.54 43.43 4.74
C ALA B 184 -9.51 43.10 3.59
N ALA B 185 -9.83 44.12 2.81
CA ALA B 185 -10.74 43.96 1.68
C ALA B 185 -10.15 43.01 0.64
N ILE B 186 -8.87 43.21 0.32
CA ILE B 186 -8.18 42.37 -0.65
C ILE B 186 -8.11 40.93 -0.17
N ASN B 187 -7.69 40.72 1.08
CA ASN B 187 -7.61 39.36 1.62
C ASN B 187 -8.99 38.69 1.65
N LYS B 188 -10.04 39.48 1.83
CA LYS B 188 -11.39 38.89 1.85
C LYS B 188 -11.79 38.53 0.41
N TRP B 189 -11.48 39.40 -0.53
CA TRP B 189 -11.79 39.09 -1.92
C TRP B 189 -11.06 37.78 -2.26
N VAL B 190 -9.77 37.73 -1.94
CA VAL B 190 -8.99 36.52 -2.20
C VAL B 190 -9.62 35.32 -1.49
N SER B 191 -10.12 35.53 -0.27
CA SER B 191 -10.73 34.43 0.43
C SER B 191 -11.97 33.98 -0.32
N ASN B 192 -12.77 34.95 -0.72
CA ASN B 192 -13.98 34.65 -1.44
C ASN B 192 -13.70 33.83 -2.71
N LYS B 193 -12.59 34.11 -3.39
CA LYS B 193 -12.24 33.39 -4.61
C LYS B 193 -11.56 32.05 -4.39
N THR B 194 -11.22 31.73 -3.14
CA THR B 194 -10.55 30.46 -2.85
C THR B 194 -11.32 29.60 -1.86
N GLU B 195 -12.65 29.73 -1.86
CA GLU B 195 -13.50 28.97 -0.94
C GLU B 195 -12.99 29.05 0.50
N GLY B 196 -12.53 30.23 0.89
CA GLY B 196 -12.05 30.42 2.25
C GLY B 196 -10.79 29.68 2.64
N ARG B 197 -9.97 29.28 1.67
CA ARG B 197 -8.74 28.56 1.97
C ARG B 197 -7.53 29.50 2.12
N ILE B 198 -7.49 30.55 1.30
CA ILE B 198 -6.41 31.52 1.35
C ILE B 198 -7.08 32.75 1.91
N THR B 199 -6.85 33.06 3.18
CA THR B 199 -7.53 34.19 3.78
C THR B 199 -6.70 35.40 4.18
N ASP B 200 -5.38 35.33 4.01
CA ASP B 200 -4.52 36.45 4.38
C ASP B 200 -3.26 36.60 3.55
N VAL B 201 -3.37 36.42 2.23
CA VAL B 201 -2.20 36.55 1.35
C VAL B 201 -1.31 37.71 1.74
N ILE B 202 -1.92 38.87 1.94
CA ILE B 202 -1.18 40.05 2.30
C ILE B 202 -1.06 40.20 3.82
N PRO B 203 0.18 40.17 4.34
CA PRO B 203 0.42 40.31 5.79
C PRO B 203 0.20 41.74 6.24
N SER B 204 -0.11 41.92 7.53
CA SER B 204 -0.37 43.26 8.05
C SER B 204 0.85 44.15 7.88
N GLU B 205 0.60 45.45 7.70
CA GLU B 205 1.66 46.44 7.54
C GLU B 205 2.25 46.57 6.15
N ALA B 206 1.95 45.63 5.26
CA ALA B 206 2.48 45.65 3.90
C ALA B 206 1.93 46.79 3.04
N ILE B 207 0.67 47.16 3.27
CA ILE B 207 0.04 48.23 2.51
C ILE B 207 -0.02 49.47 3.35
N ASN B 208 0.42 50.59 2.78
CA ASN B 208 0.40 51.86 3.51
C ASN B 208 -0.06 53.00 2.60
N GLU B 209 -0.16 54.20 3.17
CA GLU B 209 -0.62 55.37 2.42
C GLU B 209 0.02 55.61 1.06
N LEU B 210 1.23 55.11 0.88
CA LEU B 210 1.92 55.32 -0.38
C LEU B 210 1.62 54.23 -1.41
N THR B 211 0.90 53.20 -0.98
CA THR B 211 0.57 52.11 -1.89
C THR B 211 -0.26 52.66 -3.04
N VAL B 212 0.15 52.29 -4.26
CA VAL B 212 -0.51 52.73 -5.48
C VAL B 212 -1.41 51.67 -6.14
N LEU B 213 -0.98 50.43 -6.11
CA LEU B 213 -1.73 49.39 -6.77
C LEU B 213 -1.34 48.03 -6.27
N VAL B 214 -2.32 47.15 -6.18
CA VAL B 214 -2.02 45.79 -5.77
C VAL B 214 -2.59 44.90 -6.88
N LEU B 215 -1.76 44.03 -7.44
CA LEU B 215 -2.21 43.14 -8.51
C LEU B 215 -2.40 41.77 -7.91
N VAL B 216 -3.52 41.13 -8.20
CA VAL B 216 -3.77 39.83 -7.60
C VAL B 216 -4.26 38.72 -8.53
N ASN B 217 -3.77 37.52 -8.28
CA ASN B 217 -4.21 36.33 -9.00
C ASN B 217 -4.57 35.32 -7.92
N THR B 218 -5.61 34.54 -8.21
CA THR B 218 -6.06 33.49 -7.32
C THR B 218 -6.37 32.28 -8.20
N ILE B 219 -6.07 31.08 -7.71
CA ILE B 219 -6.36 29.86 -8.45
C ILE B 219 -6.96 28.92 -7.45
N TYR B 220 -8.01 28.21 -7.84
CA TYR B 220 -8.68 27.28 -6.96
C TYR B 220 -8.95 25.97 -7.66
N PHE B 221 -8.64 24.87 -6.98
CA PHE B 221 -8.83 23.55 -7.53
C PHE B 221 -9.46 22.59 -6.53
N LYS B 222 -10.27 21.68 -7.06
CA LYS B 222 -10.91 20.64 -6.26
C LYS B 222 -11.29 19.50 -7.20
N GLY B 223 -10.79 18.32 -6.90
CA GLY B 223 -11.08 17.18 -7.74
C GLY B 223 -11.32 15.95 -6.92
N LEU B 224 -12.01 14.99 -7.52
CA LEU B 224 -12.29 13.73 -6.87
C LEU B 224 -11.35 12.70 -7.46
N TRP B 225 -10.90 11.78 -6.61
CA TRP B 225 -10.01 10.74 -7.06
C TRP B 225 -10.74 9.88 -8.09
N LYS B 226 -10.04 9.49 -9.15
CA LYS B 226 -10.67 8.63 -10.14
C LYS B 226 -10.78 7.24 -9.50
N SER B 227 -10.08 7.06 -8.38
CA SER B 227 -10.10 5.81 -7.61
C SER B 227 -9.91 6.24 -6.17
N LYS B 228 -11.02 6.56 -5.51
CA LYS B 228 -10.98 7.01 -4.13
C LYS B 228 -10.46 5.96 -3.19
N PHE B 229 -10.18 6.37 -1.96
CA PHE B 229 -9.73 5.47 -0.92
C PHE B 229 -10.98 5.28 -0.05
N SER B 230 -11.09 4.12 0.58
CA SER B 230 -12.20 3.83 1.47
C SER B 230 -11.69 4.24 2.84
N PRO B 231 -12.40 5.15 3.53
CA PRO B 231 -11.98 5.60 4.87
C PRO B 231 -11.93 4.51 5.94
N GLU B 232 -12.50 3.35 5.63
CA GLU B 232 -12.50 2.21 6.56
C GLU B 232 -11.14 1.54 6.57
N ASN B 233 -10.28 1.93 5.64
CA ASN B 233 -8.94 1.37 5.55
C ASN B 233 -7.91 2.37 6.07
N THR B 234 -8.34 3.61 6.26
CA THR B 234 -7.44 4.64 6.75
C THR B 234 -7.07 4.32 8.20
N ARG B 235 -5.79 4.45 8.54
CA ARG B 235 -5.36 4.15 9.91
C ARG B 235 -4.33 5.09 10.49
N LYS B 236 -4.39 5.28 11.80
CA LYS B 236 -3.46 6.16 12.49
C LYS B 236 -2.14 5.48 12.81
N GLU B 237 -1.06 6.25 12.72
CA GLU B 237 0.27 5.75 13.05
C GLU B 237 1.12 6.97 13.37
N LEU B 238 2.02 6.81 14.33
CA LEU B 238 2.88 7.92 14.73
C LEU B 238 3.86 8.27 13.63
N PHE B 239 4.18 9.55 13.52
CA PHE B 239 5.13 10.05 12.53
C PHE B 239 6.26 10.73 13.32
N TYR B 240 7.50 10.32 13.08
CA TYR B 240 8.61 10.89 13.82
C TYR B 240 9.41 12.00 13.16
N LYS B 241 9.24 13.19 13.72
CA LYS B 241 9.92 14.39 13.24
C LYS B 241 11.41 14.24 13.50
N ALA B 242 12.21 14.81 12.63
CA ALA B 242 13.66 14.74 12.76
C ALA B 242 14.14 15.08 14.17
N ASP B 243 13.53 16.07 14.80
CA ASP B 243 13.94 16.48 16.15
C ASP B 243 13.68 15.46 17.26
N GLY B 244 12.85 14.45 16.99
CA GLY B 244 12.58 13.45 17.99
C GLY B 244 11.13 13.33 18.43
N GLU B 245 10.43 14.45 18.44
CA GLU B 245 9.01 14.47 18.83
C GLU B 245 8.19 13.84 17.71
N SER B 246 7.17 13.09 18.08
CA SER B 246 6.32 12.44 17.08
C SER B 246 4.92 13.03 17.09
N CYS B 247 4.17 12.78 16.02
CA CYS B 247 2.80 13.25 15.92
C CYS B 247 1.98 12.16 15.26
N SER B 248 0.67 12.22 15.44
CA SER B 248 -0.22 11.22 14.87
C SER B 248 -0.60 11.56 13.43
N ALA B 249 -0.57 10.57 12.56
CA ALA B 249 -0.90 10.76 11.15
C ALA B 249 -1.89 9.72 10.67
N SER B 250 -2.75 10.14 9.75
CA SER B 250 -3.75 9.23 9.21
C SER B 250 -3.25 8.73 7.87
N MET B 251 -3.11 7.42 7.76
CA MET B 251 -2.61 6.82 6.54
C MET B 251 -3.72 6.10 5.79
N MET B 252 -3.91 6.49 4.53
CA MET B 252 -4.92 5.89 3.68
C MET B 252 -4.31 4.70 2.95
N TYR B 253 -5.14 3.69 2.69
CA TYR B 253 -4.71 2.48 2.00
C TYR B 253 -5.62 2.25 0.80
N GLN B 254 -5.06 1.66 -0.24
CA GLN B 254 -5.82 1.37 -1.45
C GLN B 254 -4.96 0.46 -2.33
N GLU B 255 -5.62 -0.33 -3.17
CA GLU B 255 -4.89 -1.22 -4.08
C GLU B 255 -5.57 -1.14 -5.44
N GLY B 256 -4.81 -0.82 -6.48
CA GLY B 256 -5.37 -0.73 -7.81
C GLY B 256 -4.31 -0.54 -8.88
N LYS B 257 -4.71 -0.30 -10.12
CA LYS B 257 -3.74 -0.09 -11.19
C LYS B 257 -3.46 1.41 -11.23
N PHE B 258 -2.20 1.78 -11.44
CA PHE B 258 -1.79 3.17 -11.48
C PHE B 258 -0.56 3.34 -12.35
N ARG B 259 -0.48 4.43 -13.10
CA ARG B 259 0.72 4.65 -13.89
C ARG B 259 1.80 4.87 -12.81
N TYR B 260 2.82 4.01 -12.85
CA TYR B 260 3.90 4.07 -11.86
C TYR B 260 5.23 3.67 -12.46
N ARG B 261 6.32 4.10 -11.82
CA ARG B 261 7.64 3.75 -12.31
C ARG B 261 8.76 3.97 -11.29
N ARG B 262 9.62 2.97 -11.14
CA ARG B 262 10.76 3.06 -10.24
C ARG B 262 11.91 3.53 -11.13
N VAL B 263 12.50 4.66 -10.77
CA VAL B 263 13.58 5.25 -11.56
C VAL B 263 14.97 5.21 -10.91
N ALA B 264 15.88 6.05 -11.40
CA ALA B 264 17.24 6.14 -10.90
C ALA B 264 17.29 6.20 -9.38
N GLU B 265 18.32 5.58 -8.80
CA GLU B 265 18.49 5.58 -7.35
C GLU B 265 17.31 4.99 -6.60
N GLY B 266 16.40 4.34 -7.34
CA GLY B 266 15.25 3.74 -6.67
C GLY B 266 14.12 4.70 -6.36
N THR B 267 14.08 5.83 -7.05
CA THR B 267 13.01 6.80 -6.82
C THR B 267 11.71 6.28 -7.45
N GLN B 268 10.62 6.39 -6.69
CA GLN B 268 9.33 5.97 -7.13
C GLN B 268 8.58 7.18 -7.65
N VAL B 269 7.95 7.04 -8.80
CA VAL B 269 7.16 8.12 -9.38
C VAL B 269 5.78 7.52 -9.52
N LEU B 270 4.80 8.13 -8.86
CA LEU B 270 3.43 7.64 -8.89
C LEU B 270 2.42 8.67 -9.35
N GLU B 271 1.55 8.30 -10.27
CA GLU B 271 0.54 9.25 -10.73
C GLU B 271 -0.84 8.85 -10.27
N LEU B 272 -1.58 9.83 -9.75
CA LEU B 272 -2.94 9.63 -9.26
C LEU B 272 -3.84 10.58 -10.05
N PRO B 273 -4.69 10.03 -10.94
CA PRO B 273 -5.60 10.85 -11.76
C PRO B 273 -6.89 11.28 -11.07
N PHE B 274 -7.37 12.47 -11.44
CA PHE B 274 -8.62 12.98 -10.90
C PHE B 274 -9.67 12.66 -11.97
N LYS B 275 -10.94 12.63 -11.58
CA LYS B 275 -11.99 12.31 -12.55
C LYS B 275 -12.01 13.27 -13.74
N GLY B 276 -11.95 12.69 -14.94
CA GLY B 276 -11.92 13.49 -16.15
C GLY B 276 -10.58 13.32 -16.83
N ASP B 277 -9.62 12.84 -16.04
CA ASP B 277 -8.24 12.60 -16.50
C ASP B 277 -7.52 13.79 -17.15
N ASP B 278 -7.98 15.00 -16.88
CA ASP B 278 -7.34 16.18 -17.44
C ASP B 278 -6.43 16.81 -16.38
N ILE B 279 -6.52 16.29 -15.16
CA ILE B 279 -5.71 16.77 -14.05
C ILE B 279 -5.28 15.59 -13.19
N THR B 280 -3.99 15.52 -12.88
CA THR B 280 -3.48 14.44 -12.04
C THR B 280 -2.51 14.97 -10.99
N MET B 281 -2.31 14.16 -9.96
CA MET B 281 -1.37 14.50 -8.90
C MET B 281 -0.24 13.50 -9.05
N VAL B 282 0.99 14.01 -9.11
CA VAL B 282 2.14 13.15 -9.25
C VAL B 282 2.95 13.21 -7.98
N LEU B 283 3.32 12.05 -7.48
CA LEU B 283 4.12 11.95 -6.27
C LEU B 283 5.49 11.37 -6.60
N ILE B 284 6.53 12.01 -6.09
CA ILE B 284 7.89 11.54 -6.32
C ILE B 284 8.51 11.23 -4.94
N LEU B 285 8.77 9.95 -4.68
CA LEU B 285 9.35 9.55 -3.41
C LEU B 285 10.75 8.99 -3.55
N PRO B 286 11.73 9.65 -2.92
CA PRO B 286 13.11 9.18 -3.00
C PRO B 286 13.22 7.85 -2.28
N LYS B 287 14.23 7.07 -2.65
CA LYS B 287 14.49 5.78 -2.04
C LYS B 287 14.58 5.99 -0.52
N PRO B 288 13.93 5.12 0.27
CA PRO B 288 13.91 5.19 1.74
C PRO B 288 15.16 5.79 2.38
N GLU B 289 16.31 5.15 2.16
CA GLU B 289 17.56 5.66 2.73
C GLU B 289 18.20 6.68 1.78
N LYS B 290 17.44 7.72 1.44
CA LYS B 290 17.97 8.73 0.52
C LYS B 290 17.30 10.09 0.63
N SER B 291 18.13 11.12 0.54
CA SER B 291 17.71 12.51 0.61
C SER B 291 16.97 12.90 -0.66
N LEU B 292 16.06 13.86 -0.54
CA LEU B 292 15.30 14.34 -1.69
C LEU B 292 16.10 15.40 -2.44
N ALA B 293 17.24 15.81 -1.87
CA ALA B 293 18.11 16.83 -2.45
C ALA B 293 18.60 16.54 -3.87
N LYS B 294 19.01 15.30 -4.11
CA LYS B 294 19.50 14.88 -5.43
C LYS B 294 18.40 15.15 -6.45
N VAL B 295 17.20 14.64 -6.19
CA VAL B 295 16.06 14.82 -7.07
C VAL B 295 15.74 16.31 -7.24
N GLU B 296 15.65 17.04 -6.14
CA GLU B 296 15.35 18.47 -6.23
C GLU B 296 16.35 19.19 -7.11
N LYS B 297 17.59 18.72 -7.11
CA LYS B 297 18.63 19.35 -7.93
C LYS B 297 18.48 19.06 -9.43
N GLU B 298 18.28 17.80 -9.80
CA GLU B 298 18.12 17.40 -11.20
C GLU B 298 16.79 17.87 -11.83
N LEU B 299 15.84 18.21 -10.97
CA LEU B 299 14.51 18.65 -11.39
C LEU B 299 14.48 19.76 -12.44
N THR B 300 14.00 19.42 -13.63
CA THR B 300 13.87 20.40 -14.70
C THR B 300 12.63 19.98 -15.45
N PRO B 301 12.13 20.83 -16.37
CA PRO B 301 10.94 20.46 -17.11
C PRO B 301 11.13 19.19 -17.93
N GLU B 302 12.32 19.02 -18.50
CA GLU B 302 12.63 17.85 -19.32
C GLU B 302 12.68 16.55 -18.51
N VAL B 303 13.36 16.58 -17.37
CA VAL B 303 13.45 15.41 -16.51
C VAL B 303 12.07 14.91 -16.08
N LEU B 304 11.25 15.84 -15.61
CA LEU B 304 9.91 15.55 -15.17
C LEU B 304 9.10 14.90 -16.29
N GLN B 305 9.19 15.49 -17.49
CA GLN B 305 8.47 14.97 -18.64
C GLN B 305 8.96 13.55 -18.90
N GLU B 306 10.23 13.30 -18.60
CA GLU B 306 10.78 11.97 -18.81
C GLU B 306 10.07 10.97 -17.92
N TRP B 307 10.18 11.15 -16.61
CA TRP B 307 9.52 10.23 -15.67
C TRP B 307 8.07 9.97 -16.03
N LEU B 308 7.31 11.04 -16.27
CA LEU B 308 5.90 10.90 -16.60
C LEU B 308 5.68 9.98 -17.79
N ASP B 309 6.57 10.05 -18.77
CA ASP B 309 6.45 9.20 -19.94
C ASP B 309 7.02 7.80 -19.72
N GLU B 310 7.80 7.61 -18.65
CA GLU B 310 8.35 6.31 -18.33
C GLU B 310 7.36 5.52 -17.48
N LEU B 311 6.28 6.18 -17.08
CA LEU B 311 5.28 5.54 -16.22
C LEU B 311 4.47 4.49 -16.97
N GLU B 312 4.27 3.35 -16.32
CA GLU B 312 3.51 2.26 -16.91
C GLU B 312 2.43 1.83 -15.91
N GLU B 313 1.22 1.56 -16.39
CA GLU B 313 0.16 1.16 -15.49
C GLU B 313 0.57 -0.13 -14.81
N MET B 314 0.33 -0.22 -13.51
CA MET B 314 0.72 -1.39 -12.77
C MET B 314 -0.10 -1.55 -11.50
N MET B 315 -0.18 -2.78 -11.01
CA MET B 315 -0.91 -3.05 -9.78
C MET B 315 0.00 -2.71 -8.61
N LEU B 316 -0.49 -1.90 -7.70
CA LEU B 316 0.32 -1.52 -6.55
C LEU B 316 -0.57 -1.08 -5.40
N VAL B 317 -0.03 -1.19 -4.19
CA VAL B 317 -0.76 -0.77 -3.01
C VAL B 317 -0.27 0.64 -2.72
N VAL B 318 -1.18 1.60 -2.62
CA VAL B 318 -0.77 2.98 -2.34
C VAL B 318 -1.06 3.35 -0.90
N HIS B 319 -0.06 3.94 -0.27
CA HIS B 319 -0.15 4.38 1.11
C HIS B 319 0.24 5.85 1.23
N MET B 320 -0.74 6.74 1.34
CA MET B 320 -0.43 8.15 1.48
C MET B 320 -1.37 8.74 2.53
N PRO B 321 -0.90 9.75 3.27
CA PRO B 321 -1.74 10.34 4.30
C PRO B 321 -2.92 11.23 3.90
N ARG B 322 -3.79 11.44 4.89
CA ARG B 322 -4.95 12.30 4.80
C ARG B 322 -4.36 13.51 5.49
N PHE B 323 -3.92 14.51 4.74
CA PHE B 323 -3.29 15.65 5.38
C PHE B 323 -3.67 16.98 4.77
N ARG B 324 -3.12 18.03 5.36
CA ARG B 324 -3.35 19.38 4.89
C ARG B 324 -2.13 20.23 5.21
N ILE B 325 -1.60 20.94 4.23
CA ILE B 325 -0.48 21.82 4.49
C ILE B 325 -0.77 23.18 3.88
N GLU B 326 -0.12 24.21 4.42
CA GLU B 326 -0.28 25.57 3.95
C GLU B 326 1.09 26.19 3.99
N ASP B 327 1.35 27.11 3.05
CA ASP B 327 2.63 27.77 3.00
C ASP B 327 2.35 29.21 2.60
N GLY B 328 3.12 30.13 3.15
CA GLY B 328 2.95 31.54 2.83
C GLY B 328 4.31 32.17 2.92
N PHE B 329 4.60 33.13 2.04
CA PHE B 329 5.92 33.76 2.06
C PHE B 329 6.07 34.90 1.07
N SER B 330 7.15 35.66 1.26
CA SER B 330 7.48 36.77 0.38
C SER B 330 8.27 36.19 -0.80
N LEU B 331 8.18 36.80 -1.97
CA LEU B 331 8.88 36.30 -3.15
C LEU B 331 10.06 37.18 -3.53
N LYS B 332 10.06 38.40 -2.99
CA LYS B 332 11.09 39.38 -3.28
C LYS B 332 12.51 38.78 -3.31
N GLU B 333 12.99 38.30 -2.17
CA GLU B 333 14.32 37.72 -2.08
C GLU B 333 14.62 36.72 -3.19
N GLN B 334 13.81 35.67 -3.27
CA GLN B 334 13.99 34.62 -4.28
C GLN B 334 14.04 35.16 -5.71
N LEU B 335 13.06 35.97 -6.08
CA LEU B 335 12.99 36.53 -7.43
C LEU B 335 14.21 37.41 -7.74
N GLN B 336 14.71 38.08 -6.70
CA GLN B 336 15.89 38.93 -6.85
C GLN B 336 17.06 38.01 -7.15
N ASP B 337 17.17 36.95 -6.36
CA ASP B 337 18.23 35.97 -6.55
C ASP B 337 18.23 35.45 -7.99
N MET B 338 17.05 35.36 -8.60
CA MET B 338 16.92 34.89 -9.97
C MET B 338 17.08 35.97 -11.04
N GLY B 339 17.23 37.22 -10.63
CA GLY B 339 17.40 38.29 -11.60
C GLY B 339 16.44 39.48 -11.52
N LEU B 340 15.32 39.31 -10.83
CA LEU B 340 14.36 40.41 -10.71
C LEU B 340 14.94 41.43 -9.76
N VAL B 341 15.57 42.45 -10.32
CA VAL B 341 16.19 43.47 -9.48
C VAL B 341 15.52 44.82 -9.54
N ASP B 342 15.54 45.43 -10.72
CA ASP B 342 14.95 46.74 -10.92
C ASP B 342 13.55 46.91 -10.33
N LEU B 343 12.67 45.95 -10.64
CA LEU B 343 11.30 45.99 -10.20
C LEU B 343 11.12 46.37 -8.74
N PHE B 344 12.00 45.87 -7.89
CA PHE B 344 11.94 46.12 -6.46
C PHE B 344 12.74 47.34 -6.02
N SER B 345 13.27 48.09 -6.97
CA SER B 345 14.09 49.23 -6.63
C SER B 345 13.40 50.58 -6.77
N PRO B 346 13.26 51.31 -5.66
CA PRO B 346 12.60 52.61 -5.73
C PRO B 346 13.33 53.53 -6.71
N GLU B 347 14.60 53.23 -6.97
CA GLU B 347 15.39 54.05 -7.86
C GLU B 347 15.45 53.54 -9.29
N LYS B 348 15.61 52.23 -9.46
CA LYS B 348 15.71 51.66 -10.80
C LYS B 348 14.41 51.20 -11.47
N SER B 349 13.40 50.84 -10.69
CA SER B 349 12.15 50.36 -11.26
C SER B 349 11.56 51.27 -12.34
N LYS B 350 10.91 50.66 -13.32
CA LYS B 350 10.30 51.38 -14.43
C LYS B 350 8.91 50.81 -14.75
N LEU B 351 7.88 51.44 -14.21
CA LEU B 351 6.51 51.01 -14.46
C LEU B 351 5.72 52.23 -14.88
N PRO B 352 6.06 52.81 -16.04
CA PRO B 352 5.38 54.01 -16.54
C PRO B 352 4.02 53.80 -17.22
N GLY B 353 3.63 52.55 -17.43
CA GLY B 353 2.38 52.28 -18.12
C GLY B 353 1.14 52.10 -17.26
N ILE B 354 1.30 52.16 -15.94
CA ILE B 354 0.19 51.97 -15.03
C ILE B 354 -0.66 53.23 -14.75
N VAL B 355 -0.06 54.28 -14.19
CA VAL B 355 -0.82 55.50 -13.90
C VAL B 355 -0.58 56.60 -14.93
N ALA B 356 -1.67 57.19 -15.41
CA ALA B 356 -1.57 58.25 -16.39
C ALA B 356 -1.01 59.53 -15.77
N GLU B 357 -1.40 59.79 -14.53
CA GLU B 357 -0.95 60.98 -13.81
C GLU B 357 -1.41 60.95 -12.36
N GLY B 358 -0.55 61.44 -11.47
CA GLY B 358 -0.92 61.47 -10.06
C GLY B 358 0.12 60.85 -9.15
N ARG B 359 1.09 60.14 -9.72
CA ARG B 359 2.11 59.51 -8.89
C ARG B 359 3.45 59.32 -9.62
N ASP B 360 4.52 59.77 -8.95
CA ASP B 360 5.88 59.64 -9.49
C ASP B 360 6.29 58.19 -9.44
N ASP B 361 6.83 57.72 -10.56
CA ASP B 361 7.20 56.33 -10.75
C ASP B 361 7.23 55.37 -9.57
N LEU B 362 6.57 54.26 -9.86
CA LEU B 362 6.35 53.15 -8.95
C LEU B 362 7.41 52.06 -9.00
N TYR B 363 7.38 51.21 -7.98
CA TYR B 363 8.28 50.08 -7.86
C TYR B 363 7.49 49.11 -7.00
N VAL B 364 7.82 47.82 -7.07
CA VAL B 364 7.14 46.82 -6.26
C VAL B 364 7.83 46.80 -4.90
N SER B 365 7.07 47.00 -3.83
CA SER B 365 7.66 47.01 -2.51
C SER B 365 7.78 45.59 -2.00
N ASP B 366 6.92 44.71 -2.50
CA ASP B 366 6.95 43.32 -2.08
C ASP B 366 5.88 42.62 -2.89
N ALA B 367 5.85 41.30 -2.78
CA ALA B 367 4.88 40.47 -3.48
C ALA B 367 4.76 39.27 -2.59
N PHE B 368 3.55 38.79 -2.38
CA PHE B 368 3.38 37.66 -1.49
C PHE B 368 2.72 36.49 -2.16
N HIS B 369 2.89 35.34 -1.55
CA HIS B 369 2.28 34.15 -2.09
C HIS B 369 1.79 33.30 -0.94
N LYS B 370 0.65 32.66 -1.13
CA LYS B 370 0.08 31.80 -0.11
C LYS B 370 -0.62 30.66 -0.84
N ALA B 371 -0.41 29.45 -0.37
CA ALA B 371 -1.02 28.29 -1.01
C ALA B 371 -1.52 27.33 0.04
N PHE B 372 -2.51 26.53 -0.35
CA PHE B 372 -3.12 25.57 0.54
C PHE B 372 -3.32 24.25 -0.18
N LEU B 373 -3.10 23.14 0.52
CA LEU B 373 -3.30 21.81 -0.05
C LEU B 373 -3.85 20.86 1.00
N GLU B 374 -4.91 20.14 0.63
CA GLU B 374 -5.51 19.17 1.52
C GLU B 374 -5.83 17.93 0.71
N VAL B 375 -5.51 16.77 1.25
CA VAL B 375 -5.72 15.51 0.57
C VAL B 375 -6.49 14.51 1.42
N ASN B 376 -7.57 13.93 0.87
CA ASN B 376 -8.32 12.95 1.64
C ASN B 376 -8.79 11.79 0.78
N GLU B 377 -9.63 10.94 1.36
CA GLU B 377 -10.15 9.76 0.68
C GLU B 377 -10.96 10.02 -0.60
N GLU B 378 -11.61 11.17 -0.66
CA GLU B 378 -12.44 11.51 -1.81
C GLU B 378 -11.65 12.14 -2.96
N GLY B 379 -10.68 12.97 -2.60
CA GLY B 379 -9.88 13.62 -3.60
C GLY B 379 -8.91 14.59 -2.97
N SER B 380 -8.72 15.73 -3.63
CA SER B 380 -7.81 16.73 -3.11
C SER B 380 -8.34 18.12 -3.42
N GLU B 381 -7.93 19.09 -2.63
CA GLU B 381 -8.36 20.47 -2.81
C GLU B 381 -7.09 21.32 -2.69
N ALA B 382 -6.93 22.28 -3.58
CA ALA B 382 -5.76 23.14 -3.54
C ALA B 382 -6.13 24.56 -3.93
N ALA B 383 -5.57 25.55 -3.25
CA ALA B 383 -5.86 26.95 -3.57
C ALA B 383 -4.60 27.76 -3.39
N ALA B 384 -4.52 28.91 -4.05
CA ALA B 384 -3.35 29.77 -3.94
C ALA B 384 -3.65 31.15 -4.45
N SER B 385 -2.80 32.10 -4.09
CA SER B 385 -2.95 33.48 -4.50
C SER B 385 -1.60 34.21 -4.44
N THR B 386 -1.42 35.17 -5.35
CA THR B 386 -0.21 35.96 -5.40
C THR B 386 -0.63 37.41 -5.44
N ALA B 387 0.01 38.24 -4.61
CA ALA B 387 -0.29 39.66 -4.57
C ALA B 387 0.98 40.45 -4.74
N VAL B 388 0.98 41.37 -5.69
CA VAL B 388 2.14 42.22 -5.94
C VAL B 388 1.73 43.63 -5.50
N VAL B 389 2.45 44.22 -4.55
CA VAL B 389 2.05 45.55 -4.16
C VAL B 389 3.05 46.60 -4.57
N ILE B 390 2.51 47.63 -5.20
CA ILE B 390 3.28 48.76 -5.71
C ILE B 390 3.39 49.87 -4.68
N ALA B 391 4.62 50.27 -4.39
CA ALA B 391 4.93 51.34 -3.45
C ALA B 391 4.30 51.16 -2.08
N GLY B 392 4.49 49.99 -1.49
CA GLY B 392 3.95 49.75 -0.16
C GLY B 392 5.13 49.67 0.80
N ARG B 393 4.98 48.95 1.89
CA ARG B 393 6.07 48.83 2.84
C ARG B 393 6.83 47.53 2.67
N SER B 394 8.14 47.63 2.48
CA SER B 394 8.98 46.45 2.33
C SER B 394 9.25 45.92 3.74
N LEU B 395 8.50 44.92 4.16
CA LEU B 395 8.67 44.35 5.49
C LEU B 395 9.60 43.15 5.48
N ASN B 396 9.97 42.69 6.68
CA ASN B 396 10.89 41.56 6.81
C ASN B 396 10.24 40.17 6.84
N PRO B 397 10.89 39.20 6.18
CA PRO B 397 10.43 37.80 6.08
C PRO B 397 10.15 37.07 7.40
N ASN B 398 9.26 36.09 7.31
CA ASN B 398 8.85 35.26 8.45
C ASN B 398 9.38 33.84 8.30
N THR B 401 9.75 27.89 10.14
CA THR B 401 8.76 26.83 9.99
C THR B 401 9.16 25.56 10.74
N PHE B 402 8.17 24.73 11.07
CA PHE B 402 8.43 23.49 11.80
C PHE B 402 9.04 22.41 10.91
N LYS B 403 10.26 22.02 11.23
CA LYS B 403 10.95 20.98 10.47
C LYS B 403 10.26 19.65 10.74
N ALA B 404 10.10 18.84 9.70
CA ALA B 404 9.45 17.53 9.83
C ALA B 404 10.43 16.41 9.50
N ASN B 405 10.07 15.55 8.55
CA ASN B 405 10.95 14.44 8.20
C ASN B 405 10.50 13.66 6.94
N ARG B 406 11.44 12.92 6.36
CA ARG B 406 11.20 12.09 5.17
C ARG B 406 10.15 12.62 4.19
N PRO B 407 10.37 13.84 3.66
CA PRO B 407 9.42 14.44 2.72
C PRO B 407 9.32 13.76 1.35
N PHE B 408 8.25 14.11 0.62
CA PHE B 408 8.02 13.61 -0.75
C PHE B 408 7.47 14.77 -1.58
N LEU B 409 7.77 14.76 -2.88
CA LEU B 409 7.30 15.82 -3.76
C LEU B 409 5.91 15.55 -4.28
N VAL B 410 5.20 16.62 -4.62
CA VAL B 410 3.85 16.50 -5.14
C VAL B 410 3.61 17.58 -6.20
N PHE B 411 3.00 17.19 -7.31
CA PHE B 411 2.68 18.14 -8.38
C PHE B 411 1.24 17.90 -8.79
N ILE B 412 0.52 18.98 -9.05
CA ILE B 412 -0.86 18.86 -9.53
C ILE B 412 -0.74 19.43 -10.93
N ARG B 413 -0.82 18.56 -11.93
CA ARG B 413 -0.66 18.99 -13.31
C ARG B 413 -1.89 18.90 -14.20
N GLU B 414 -1.91 19.76 -15.21
CA GLU B 414 -2.96 19.81 -16.20
C GLU B 414 -2.34 18.97 -17.31
N VAL B 415 -2.85 17.75 -17.48
CA VAL B 415 -2.32 16.81 -18.47
C VAL B 415 -2.31 17.29 -19.92
N PRO B 416 -3.49 17.60 -20.48
CA PRO B 416 -3.50 18.06 -21.87
C PRO B 416 -2.20 18.76 -22.29
N LEU B 417 -1.91 19.93 -21.73
CA LEU B 417 -0.67 20.61 -22.08
C LEU B 417 0.30 20.75 -20.91
N ASN B 418 0.59 19.62 -20.27
CA ASN B 418 1.47 19.52 -19.12
C ASN B 418 1.82 20.81 -18.42
N THR B 419 0.84 21.38 -17.75
CA THR B 419 1.02 22.62 -17.00
C THR B 419 1.13 22.28 -15.51
N ILE B 420 2.06 22.94 -14.82
CA ILE B 420 2.22 22.69 -13.41
C ILE B 420 1.37 23.73 -12.68
N ILE B 421 0.27 23.28 -12.06
CA ILE B 421 -0.61 24.18 -11.34
C ILE B 421 -0.09 24.41 -9.94
N PHE B 422 0.19 23.32 -9.24
CA PHE B 422 0.71 23.40 -7.88
C PHE B 422 1.89 22.44 -7.79
N MET B 423 2.84 22.78 -6.94
CA MET B 423 3.98 21.90 -6.73
C MET B 423 4.45 22.13 -5.31
N GLY B 424 5.01 21.09 -4.71
CA GLY B 424 5.50 21.23 -3.36
C GLY B 424 6.18 20.01 -2.80
N ARG B 425 6.53 20.12 -1.53
CA ARG B 425 7.20 19.06 -0.81
C ARG B 425 6.47 18.91 0.52
N VAL B 426 5.86 17.75 0.74
CA VAL B 426 5.15 17.49 1.98
C VAL B 426 6.10 16.83 2.97
N ALA B 427 6.52 17.58 3.99
CA ALA B 427 7.43 17.07 5.01
C ALA B 427 6.69 16.60 6.26
N ASN B 428 5.68 17.36 6.67
CA ASN B 428 4.89 17.02 7.84
C ASN B 428 3.46 16.69 7.43
N PRO B 429 3.08 15.41 7.51
CA PRO B 429 1.73 14.96 7.14
C PRO B 429 0.82 14.94 8.36
N CYS B 430 1.23 15.63 9.42
CA CYS B 430 0.44 15.70 10.65
C CYS B 430 -0.42 16.96 10.70
C1 NAG C . -22.37 -51.81 9.62
C2 NAG C . -22.89 -53.01 10.41
C3 NAG C . -24.09 -52.54 11.23
C4 NAG C . -23.72 -51.35 12.13
C5 NAG C . -23.01 -50.25 11.31
C6 NAG C . -22.41 -49.15 12.20
C7 NAG C . -22.34 -54.85 8.96
C8 NAG C . -22.25 -54.84 7.44
N2 NAG C . -23.26 -54.08 9.52
O3 NAG C . -24.56 -53.61 12.03
O4 NAG C . -24.92 -50.83 12.73
O5 NAG C . -21.93 -50.80 10.52
O6 NAG C . -21.17 -48.69 11.66
O7 NAG C . -21.55 -55.54 9.62
C1 NAG C . -24.85 -50.34 14.03
C2 NAG C . -25.66 -49.04 14.13
C3 NAG C . -25.66 -48.55 15.58
C4 NAG C . -26.20 -49.65 16.49
C5 NAG C . -25.39 -50.94 16.29
C6 NAG C . -25.94 -52.09 17.11
C7 NAG C . -25.87 -47.12 12.67
C8 NAG C . -25.58 -45.66 12.98
N2 NAG C . -25.08 -48.02 13.26
O3 NAG C . -26.49 -47.39 15.68
O4 NAG C . -26.13 -49.24 17.86
O5 NAG C . -25.42 -51.34 14.90
O6 NAG C . -25.82 -53.33 16.41
O7 NAG C . -26.80 -47.43 11.94
C1 NAG D . -1.03 54.97 -21.36
C2 NAG D . -0.40 56.35 -21.54
C3 NAG D . -0.28 56.68 -23.02
C4 NAG D . 0.19 55.52 -23.93
C5 NAG D . -0.29 54.13 -23.46
C6 NAG D . 0.56 53.01 -24.02
C7 NAG D . -0.75 58.48 -20.44
C8 NAG D . -1.12 59.74 -21.21
N2 NAG D . -1.24 57.33 -20.89
O3 NAG D . 0.63 57.77 -23.18
O4 NAG D . -0.33 55.79 -25.26
O5 NAG D . -0.22 54.00 -22.03
O6 NAG D . -0.13 51.78 -23.96
O7 NAG D . -0.03 58.57 -19.44
C1 NAG D . 0.38 55.46 -26.41
C2 NAG D . 1.82 56.04 -26.36
C3 NAG D . 2.64 55.55 -27.55
C4 NAG D . 2.56 54.03 -27.71
C5 NAG D . 1.09 53.59 -27.74
C6 NAG D . 0.96 52.08 -27.80
C7 NAG D . 1.14 58.17 -27.33
C8 NAG D . 0.51 59.50 -26.93
N2 NAG D . 1.78 57.50 -26.36
O3 NAG D . 3.99 55.94 -27.38
O4 NAG D . 3.19 53.64 -28.92
O5 NAG D . 0.41 54.03 -26.54
O6 NAG D . 1.02 51.50 -26.50
O7 NAG D . 1.04 57.77 -28.49
C1 NAG E . -18.38 35.54 -1.72
C2 NAG E . -18.78 34.39 -0.78
C3 NAG E . -20.28 34.11 -0.87
C4 NAG E . -21.00 35.40 -0.54
C5 NAG E . -20.62 36.45 -1.58
C6 NAG E . -21.32 37.78 -1.35
C7 NAG E . -17.12 32.72 -0.29
C8 NAG E . -16.83 31.24 -0.36
N2 NAG E . -18.03 33.20 -1.12
O3 NAG E . -20.64 33.10 0.09
O4 NAG E . -22.43 35.21 -0.49
O5 NAG E . -19.21 36.71 -1.52
O6 NAG E . -21.00 38.30 -0.06
O7 NAG E . -16.50 33.44 0.52
C1 NAG E . -23.01 35.92 0.55
C2 NAG E . -24.38 36.48 0.14
C3 NAG E . -24.98 37.24 1.34
C4 NAG E . -24.99 36.34 2.58
C5 NAG E . -23.59 35.76 2.84
C6 NAG E . -23.53 34.80 4.00
C7 NAG E . -24.96 37.18 -2.11
C8 NAG E . -25.70 38.40 -2.65
N2 NAG E . -24.24 37.37 -1.00
O3 NAG E . -26.30 37.68 1.04
O4 NAG E . -25.42 37.07 3.72
O5 NAG E . -23.13 35.06 1.67
O6 NAG E . -22.62 33.74 3.75
O7 NAG E . -25.05 36.10 -2.68
O4 Z9L F . -27.45 -34.45 25.22
C4 Z9L F . -26.31 -35.25 25.44
C5 Z9L F . -26.73 -36.69 25.90
O5 Z9L F . -25.54 -37.52 26.16
C6 Z9L F . -27.59 -37.42 24.87
O6 Z9L F . -26.73 -37.82 23.77
S1 Z9L F . -27.41 -37.99 22.29
O7 Z9L F . -28.58 -37.19 22.29
O11 Z9L F . -27.68 -39.39 22.17
O15 Z9L F . -26.43 -37.54 21.35
C3 Z9L F . -25.41 -34.60 26.51
O3 Z9L F . -25.01 -33.29 26.06
S2 Z9L F . -25.18 -31.96 26.98
O8 Z9L F . -26.57 -31.86 27.21
O9 Z9L F . -24.67 -30.90 26.19
O10 Z9L F . -24.43 -32.20 28.18
C2 Z9L F . -24.18 -35.53 26.69
O2 Z9L F . -23.27 -34.97 27.64
S3 Z9L F . -21.71 -34.83 27.20
O12 Z9L F . -21.47 -33.43 27.26
O13 Z9L F . -21.62 -35.32 25.87
O14 Z9L F . -20.97 -35.62 28.13
C1 Z9L F . -24.62 -36.96 27.15
O1 Z9L F . -25.24 -36.87 28.44
C7 Z9L F . -25.67 -38.12 28.96
O4 Z9K F . -28.07 -31.11 21.43
C4 Z9K F . -28.51 -31.28 22.78
C5 Z9K F . -27.26 -31.50 23.71
O5 Z9K F . -26.81 -32.86 23.65
C6 Z9K F . -26.07 -30.56 23.33
O10 Z9K F . -26.23 -29.31 23.35
O6 Z9K F . -24.96 -31.04 23.01
C3 Z9K F . -29.53 -32.47 22.83
O3 Z9K F . -30.88 -32.00 22.90
C7 Z9K F . -31.71 -32.49 21.85
C2 Z9K F . -29.23 -33.38 24.04
O2 Z9K F . -30.16 -34.48 24.04
S1 Z9K F . -31.23 -34.66 25.24
O7 Z9K F . -30.53 -34.47 26.49
O8 Z9K F . -31.73 -35.99 25.08
O9 Z9K F . -32.21 -33.65 24.98
C1 Z9K F . -27.74 -33.88 23.97
C1 GU6 F . -28.95 -30.47 20.47
C2 GU6 F . -28.16 -30.44 19.12
O2 GU6 F . -27.80 -31.77 18.69
S2 GU6 F . -28.94 -32.78 18.12
C3 GU6 F . -26.90 -29.55 19.31
O3 GU6 F . -26.17 -29.50 18.09
S3 GU6 F . -24.68 -30.15 18.09
C4 GU6 F . -27.36 -28.14 19.75
O4 GU6 F . -26.22 -27.31 19.97
C5 GU6 F . -28.17 -28.25 21.08
O5 GU6 F . -29.31 -29.12 20.90
C6 GU6 F . -28.71 -26.88 21.56
O6 GU6 F . -29.57 -26.44 20.51
S6 GU6 F . -30.12 -24.94 20.52
O13 GU6 F . -28.23 -33.68 17.30
O14 GU6 F . -29.86 -31.97 17.40
O15 GU6 F . -29.52 -33.39 19.27
O16 GU6 F . -24.81 -31.51 18.48
O17 GU6 F . -23.91 -29.39 19.03
O18 GU6 F . -24.28 -29.93 16.74
O19 GU6 F . -30.81 -24.81 21.77
O20 GU6 F . -28.98 -24.09 20.44
O21 GU6 F . -30.97 -24.86 19.37
C1 GU1 F . -26.14 -26.00 19.44
C2 GU1 F . -25.24 -25.17 20.41
O2 GU1 F . -25.76 -25.17 21.74
C7 GU1 F . -25.06 -26.01 22.66
C3 GU1 F . -25.12 -23.72 19.86
O3 GU1 F . -24.30 -22.88 20.73
C8 GU1 F . -23.03 -23.40 21.17
O5 GU1 F . -25.63 -26.02 18.10
C5 GU1 F . -25.52 -24.73 17.50
C6 GU1 F . -24.99 -24.86 16.06
O6B GU1 F . -25.48 -24.15 15.14
O6A GU1 F . -24.07 -25.68 15.77
C4 GU1 F . -24.55 -23.82 18.39
O4 GU1 F . -24.43 -22.53 17.79
O4 Z9H F . -23.32 -20.54 13.78
C7 Z9H F . -22.51 -19.61 13.05
C4 Z9H F . -22.92 -20.69 15.14
C5 Z9H F . -22.66 -22.19 15.46
O5 Z9H F . -22.24 -22.36 16.86
C6 Z9H F . -21.57 -22.79 14.55
O6 Z9H F . -20.54 -23.34 15.34
S1 Z9H F . -19.12 -23.68 14.65
O7 Z9H F . -18.19 -22.89 15.38
O8 Z9H F . -19.24 -23.31 13.26
O12 Z9H F . -18.98 -25.08 14.85
C3 Z9H F . -24.01 -20.17 16.12
O3 Z9H F . -24.29 -18.79 15.89
C8 Z9H F . -25.71 -18.54 15.87
C2 Z9H F . -23.46 -20.38 17.57
O2 Z9H F . -24.43 -19.95 18.55
S2 Z9H F . -23.88 -18.91 19.65
O9 Z9H F . -23.75 -17.68 18.91
O10 Z9H F . -22.62 -19.42 20.13
O11 Z9H F . -24.90 -18.89 20.65
C1 Z9H F . -23.16 -21.86 17.83
O4 Z9L G . 4.50 34.93 -38.84
C4 Z9L G . 5.41 35.09 -37.78
C5 Z9L G . 6.25 36.39 -37.94
O5 Z9L G . 7.19 36.55 -36.84
C6 Z9L G . 5.38 37.62 -37.97
O6 Z9L G . 4.37 37.42 -36.98
S1 Z9L G . 3.58 38.72 -36.48
O7 Z9L G . 3.09 39.34 -37.67
O11 Z9L G . 4.55 39.50 -35.78
O15 Z9L G . 2.53 38.20 -35.64
C3 Z9L G . 6.35 33.87 -37.72
O3 Z9L G . 5.58 32.67 -37.54
S2 Z9L G . 5.83 31.33 -38.42
O8 Z9L G . 5.59 31.71 -39.77
O9 Z9L G . 4.88 30.39 -37.94
O10 Z9L G . 7.18 30.95 -38.18
C2 Z9L G . 7.30 34.10 -36.50
O2 Z9L G . 8.19 32.99 -36.36
S3 Z9L G . 8.65 32.58 -34.85
O12 Z9L G . 8.17 31.25 -34.71
O13 Z9L G . 8.05 33.49 -33.96
O14 Z9L G . 10.08 32.70 -34.85
C1 Z9L G . 8.11 35.43 -36.67
O1 Z9L G . 9.00 35.34 -37.80
C7 Z9L G . 9.79 36.52 -38.00
O4 Z9K G . -0.22 33.19 -37.98
C4 Z9K G . 0.75 33.09 -39.03
C5 Z9K G . 2.10 32.61 -38.37
O5 Z9K G . 2.81 33.71 -37.76
C6 Z9K G . 1.88 31.51 -37.30
O10 Z9K G . 1.28 30.45 -37.59
O6 Z9K G . 2.26 31.69 -36.09
C3 Z9K G . 0.88 34.49 -39.72
O3 Z9K G . 0.21 34.52 -40.98
C7 Z9K G . -0.74 35.58 -41.07
C2 Z9K G . 2.36 34.87 -39.93
O2 Z9K G . 2.42 36.17 -40.53
S1 Z9K G . 3.03 36.37 -42.01
O7 Z9K G . 4.28 35.64 -42.06
O8 Z9K G . 3.22 37.77 -42.15
O9 Z9K G . 2.02 35.83 -42.88
C1 Z9K G . 3.11 34.84 -38.57
C1 GU6 G . -1.63 33.24 -38.30
C2 GU6 G . -2.40 33.35 -36.93
O2 GU6 G . -1.91 34.49 -36.16
S2 GU6 G . -2.40 36.01 -36.47
C3 GU6 G . -2.14 32.08 -36.11
O3 GU6 G . -2.85 32.16 -34.88
S3 GU6 G . -2.01 32.10 -33.51
C4 GU6 G . -2.62 30.86 -36.93
O4 GU6 G . -2.34 29.67 -36.16
C5 GU6 G . -1.84 30.80 -38.29
O5 GU6 G . -2.07 32.03 -39.04
C6 GU6 G . -2.30 29.60 -39.16
O6 GU6 G . -3.52 29.98 -39.79
S6 GU6 G . -4.71 28.86 -40.01
O13 GU6 G . -1.53 36.83 -35.69
O14 GU6 G . -3.75 36.02 -36.05
O15 GU6 G . -2.25 36.21 -37.88
O16 GU6 G . -1.10 33.19 -33.60
O17 GU6 G . -1.37 30.83 -33.52
O18 GU6 G . -3.01 32.22 -32.50
O19 GU6 G . -5.19 29.12 -41.32
O20 GU6 G . -4.11 27.56 -39.88
O21 GU6 G . -5.67 29.15 -38.98
C1 GU1 G . -3.29 28.67 -35.96
C2 GU1 G . -2.48 27.33 -35.83
O2 GU1 G . -1.69 27.10 -36.99
C7 GU1 G . -0.29 27.35 -36.80
C3 GU1 G . -3.49 26.17 -35.62
O3 GU1 G . -2.81 24.90 -35.53
C8 GU1 G . -1.69 24.79 -34.62
O5 GU1 G . -4.08 28.94 -34.79
C5 GU1 G . -5.07 27.92 -34.54
C6 GU1 G . -5.89 28.30 -33.27
O6B GU1 G . -7.13 28.53 -33.37
O6A GU1 G . -5.34 28.39 -32.13
C4 GU1 G . -4.34 26.52 -34.35
O4 GU1 G . -5.31 25.52 -34.09
O4 Z9H G . -8.92 24.15 -31.37
C7 Z9H G . -9.47 23.19 -30.47
C4 Z9H G . -7.54 23.94 -31.67
C5 Z9H G . -6.72 25.25 -31.44
O5 Z9H G . -5.29 25.06 -31.75
C6 Z9H G . -6.86 25.79 -30.00
O6 Z9H G . -5.58 25.99 -29.39
S1 Z9H G . -5.40 25.76 -27.79
O7 Z9H G . -4.39 24.77 -27.69
O8 Z9H G . -6.66 25.34 -27.27
O12 Z9H G . -4.99 27.04 -27.32
C3 Z9H G . -7.33 23.49 -33.16
O3 Z9H G . -8.04 22.27 -33.43
C8 Z9H G . -8.75 22.35 -34.68
C2 Z9H G . -5.81 23.28 -33.40
O2 Z9H G . -5.53 22.89 -34.78
S2 Z9H G . -4.78 21.47 -35.05
O9 Z9H G . -5.53 20.50 -34.32
O10 Z9H G . -3.43 21.65 -34.56
O11 Z9H G . -4.87 21.34 -36.47
C1 Z9H G . -5.01 24.56 -33.08
C1 NAG H . -14.01 -56.20 21.86
C2 NAG H . -14.06 -57.40 22.80
C3 NAG H . -15.49 -57.94 22.85
C4 NAG H . -16.44 -56.82 23.29
C5 NAG H . -16.28 -55.57 22.40
C6 NAG H . -17.06 -54.40 22.93
C7 NAG H . -13.43 -59.29 21.40
C8 NAG H . -12.90 -60.70 21.53
N2 NAG H . -13.11 -58.43 22.38
O3 NAG H . -15.59 -59.03 23.74
O4 NAG H . -17.79 -57.28 23.25
O5 NAG H . -14.88 -55.16 22.33
O6 NAG H . -17.27 -53.41 21.93
O7 NAG H . -14.13 -58.96 20.44
C1 NAG I . 13.30 53.18 -21.65
C2 NAG I . 14.25 54.32 -22.07
C3 NAG I . 13.52 55.22 -23.07
C4 NAG I . 13.06 54.38 -24.26
C5 NAG I . 12.16 53.25 -23.76
C6 NAG I . 11.72 52.33 -24.90
C7 NAG I . 15.62 54.62 -20.10
C8 NAG I . 15.39 54.80 -18.61
N2 NAG I . 14.68 55.09 -20.92
O3 NAG I . 14.39 56.26 -23.50
O4 NAG I . 12.37 55.20 -25.19
O5 NAG I . 12.86 52.44 -22.80
O6 NAG I . 10.93 51.25 -24.43
O7 NAG I . 16.62 54.04 -20.51
#